data_4TQS
#
_entry.id   4TQS
#
_cell.length_a   52.120
_cell.length_b   184.242
_cell.length_c   52.124
_cell.angle_alpha   90.000
_cell.angle_beta   110.090
_cell.angle_gamma   90.000
#
_symmetry.space_group_name_H-M   'P 1 21 1'
#
loop_
_entity.id
_entity.type
_entity.pdbx_description
1 polymer 'DNA polymerase IV'
2 polymer "DNA (5'-D(*GP*GP*GP*GP*GP*AP*AP*GP*GP*AP*TP*T)-3')"
3 polymer "DNA (5'-D(P*TP*CP*AP*CP*(2LF)P*GP*AP*AP*TP*CP*CP*TP*TP*CP*CP*CP*CP*C)-3')"
4 non-polymer "2'-DEOXYCYTIDINE-5'-TRIPHOSPHATE"
5 non-polymer 'MAGNESIUM ION'
6 non-polymer "2',3'-DIDEOXYCYTIDINE-5'-MONOPHOSPHATE"
7 water water
#
loop_
_entity_poly.entity_id
_entity_poly.type
_entity_poly.pdbx_seq_one_letter_code
_entity_poly.pdbx_strand_id
1 'polypeptide(L)'
;HHHHHHMIVLFVDFDYFYAQVEEVLNPSLKGKPVVVCVFSGRFEDSGAVATANYEARKFGVKAGIPIVEAKKILPNAVYL
PMRKEVYQQVSSRIMNLLREYSEKIEIASIDEAYLDISDKVRDYREAYNLGLEIKNKILEKEKITVTVGISKNKVFAKIA
ADMAKPNGIKVIDDEEVKRLIRELDIADVPGIGNITAEKLKKLGINKLVDTLSIEFDKLKGMIGEAKAKYLISLARDEYN
EPIRTRVRKSIGRIVTMKRNSRNLEEIKPYLFRAIEESYYKLDKRIPKAIHVVAVTEDLDIVSRGRTFPHGISKETAYSE
SVKLLQKILEEDERKIRRIGVRFSKFIEAIGLDKFFDT
;
A,B
2 'polydeoxyribonucleotide' (DG)(DG)(DG)(DG)(DG)(DA)(DA)(DG)(DG)(DA)(DT)(DT) C,P
3 'polydeoxyribonucleotide' (DT)(DC)(DA)(DC)(2LF)(DG)(DA)(DA)(DT)(DC)(DC)(DT)(DT)(DC)(DC)(DC)(DC)(DC) D,T
#
loop_
_chem_comp.id
_chem_comp.type
_chem_comp.name
_chem_comp.formula
2LF DNA linking '(6S,7S,8S,10R)-2-amino-8-hydroxy-4-oxo-3,6,7,8,9,10-hexahydro-4H-7,10-epoxyazepino[1,2-e]purin-6-yl dihydrogen phosphate' 'C10 H12 N5 O7 P'
DA DNA linking 2'-DEOXYADENOSINE-5'-MONOPHOSPHATE 'C10 H14 N5 O6 P'
DC DNA linking 2'-DEOXYCYTIDINE-5'-MONOPHOSPHATE 'C9 H14 N3 O7 P'
DCP non-polymer 2'-DEOXYCYTIDINE-5'-TRIPHOSPHATE 'C9 H16 N3 O13 P3'
DG DNA linking 2'-DEOXYGUANOSINE-5'-MONOPHOSPHATE 'C10 H14 N5 O7 P'
DOC DNA linking 2',3'-DIDEOXYCYTIDINE-5'-MONOPHOSPHATE 'C9 H14 N3 O6 P'
DT DNA linking THYMIDINE-5'-MONOPHOSPHATE 'C10 H15 N2 O8 P'
MG non-polymer 'MAGNESIUM ION' 'Mg 2'
#
# COMPACT_ATOMS: atom_id res chain seq x y z
N MET A 7 7.58 27.66 39.74
CA MET A 7 7.68 26.95 38.47
C MET A 7 6.33 26.86 37.75
N ILE A 8 6.28 27.33 36.50
CA ILE A 8 5.12 27.18 35.64
C ILE A 8 5.47 26.42 34.37
N VAL A 9 4.74 25.34 34.07
CA VAL A 9 4.98 24.56 32.87
C VAL A 9 3.84 24.74 31.88
N LEU A 10 4.21 25.02 30.63
CA LEU A 10 3.28 25.13 29.52
C LEU A 10 3.56 23.98 28.54
N PHE A 11 2.60 23.08 28.44
CA PHE A 11 2.67 21.93 27.57
C PHE A 11 1.81 22.20 26.34
N VAL A 12 2.30 21.79 25.19
CA VAL A 12 1.60 21.98 23.92
C VAL A 12 1.42 20.66 23.22
N ASP A 13 0.18 20.30 22.90
CA ASP A 13 -0.07 19.08 22.14
C ASP A 13 -0.87 19.36 20.86
N PHE A 14 -0.49 18.70 19.77
CA PHE A 14 -1.07 18.97 18.45
C PHE A 14 -2.36 18.15 18.30
N ASP A 15 -3.44 18.80 17.87
CA ASP A 15 -4.76 18.17 17.81
C ASP A 15 -4.84 17.10 16.71
N TYR A 16 -5.26 15.89 17.07
CA TYR A 16 -5.42 14.74 16.16
C TYR A 16 -4.39 14.77 14.99
N PHE A 17 -3.11 14.87 15.38
CA PHE A 17 -2.10 15.51 14.51
C PHE A 17 -1.98 14.95 13.08
N TYR A 18 -1.92 13.63 12.90
CA TYR A 18 -1.69 13.11 11.53
C TYR A 18 -2.90 13.40 10.65
N ALA A 19 -4.09 13.23 11.22
CA ALA A 19 -5.32 13.49 10.50
C ALA A 19 -5.43 14.98 10.19
N GLN A 20 -5.12 15.85 11.16
CA GLN A 20 -5.19 17.28 10.91
C GLN A 20 -4.25 17.77 9.80
N VAL A 21 -3.04 17.21 9.71
CA VAL A 21 -2.10 17.58 8.65
C VAL A 21 -2.67 17.18 7.27
N GLU A 22 -3.20 15.97 7.17
CA GLU A 22 -3.90 15.57 5.94
C GLU A 22 -5.04 16.55 5.61
N GLU A 23 -5.74 17.03 6.63
CA GLU A 23 -6.84 17.98 6.45
C GLU A 23 -6.37 19.30 5.87
N VAL A 24 -5.35 19.89 6.49
CA VAL A 24 -4.71 21.12 6.03
C VAL A 24 -4.24 21.00 4.56
N LEU A 25 -3.60 19.89 4.23
CA LEU A 25 -3.13 19.61 2.87
C LEU A 25 -4.27 19.38 1.85
N ASN A 26 -5.30 18.68 2.27
CA ASN A 26 -6.42 18.33 1.39
C ASN A 26 -7.69 19.05 1.81
N PRO A 27 -7.98 20.19 1.18
CA PRO A 27 -9.22 20.90 1.56
C PRO A 27 -10.48 20.08 1.27
N SER A 28 -10.40 19.08 0.40
CA SER A 28 -11.57 18.27 0.07
C SER A 28 -12.00 17.31 1.20
N LEU A 29 -11.57 17.54 2.45
CA LEU A 29 -11.74 16.56 3.55
C LEU A 29 -12.33 17.04 4.90
N LYS A 30 -11.92 18.23 5.34
CA LYS A 30 -12.05 18.67 6.75
C LYS A 30 -13.34 18.27 7.52
N GLY A 31 -14.50 18.71 7.06
CA GLY A 31 -15.75 18.42 7.74
C GLY A 31 -16.25 16.97 7.71
N LYS A 32 -15.49 16.07 7.10
CA LYS A 32 -15.88 14.66 7.03
C LYS A 32 -15.04 13.77 7.97
N PRO A 33 -15.46 12.51 8.17
CA PRO A 33 -14.56 11.66 8.97
C PRO A 33 -13.31 11.23 8.19
N VAL A 34 -12.17 11.40 8.84
CA VAL A 34 -10.89 11.09 8.22
C VAL A 34 -10.10 10.13 9.09
N VAL A 35 -9.63 9.03 8.50
CA VAL A 35 -8.90 8.01 9.26
C VAL A 35 -7.52 7.74 8.70
N VAL A 36 -6.46 8.10 9.43
CA VAL A 36 -5.11 7.86 8.96
C VAL A 36 -4.61 6.49 9.42
N CYS A 37 -4.21 5.67 8.45
CA CYS A 37 -3.90 4.27 8.68
C CYS A 37 -2.53 3.85 8.25
N VAL A 38 -2.06 2.75 8.84
CA VAL A 38 -0.89 2.06 8.33
C VAL A 38 -1.30 0.72 7.71
N PHE A 39 -1.27 0.69 6.39
CA PHE A 39 -1.59 -0.51 5.66
C PHE A 39 -0.34 -1.38 5.58
N SER A 40 -0.35 -2.51 6.28
CA SER A 40 0.76 -3.45 6.24
C SER A 40 1.00 -4.04 4.86
N GLY A 41 0.09 -3.77 3.92
CA GLY A 41 0.29 -4.17 2.55
C GLY A 41 0.11 -5.64 2.27
N ARG A 42 -0.23 -6.41 3.31
CA ARG A 42 -0.58 -7.81 3.13
C ARG A 42 -1.95 -7.90 2.46
N PHE A 43 -2.87 -8.67 3.04
CA PHE A 43 -4.23 -8.74 2.53
C PHE A 43 -4.86 -7.34 2.44
N GLU A 44 -5.91 -7.19 1.63
CA GLU A 44 -6.55 -5.90 1.48
C GLU A 44 -7.09 -5.39 2.83
N ASP A 45 -6.77 -4.14 3.16
CA ASP A 45 -7.17 -3.50 4.42
C ASP A 45 -6.51 -4.13 5.65
N SER A 46 -5.36 -4.76 5.44
CA SER A 46 -4.54 -5.22 6.55
C SER A 46 -3.83 -4.02 7.18
N GLY A 47 -3.87 -3.97 8.50
CA GLY A 47 -3.17 -2.92 9.22
C GLY A 47 -4.04 -2.34 10.30
N ALA A 48 -3.62 -1.20 10.83
CA ALA A 48 -4.33 -0.55 11.91
C ALA A 48 -4.57 0.95 11.68
N VAL A 49 -5.51 1.48 12.45
CA VAL A 49 -5.70 2.93 12.54
C VAL A 49 -4.59 3.57 13.36
N ALA A 50 -3.96 4.60 12.81
CA ALA A 50 -2.96 5.35 13.56
C ALA A 50 -3.60 6.56 14.23
N THR A 51 -4.48 7.22 13.50
CA THR A 51 -5.11 8.43 14.01
C THR A 51 -6.45 8.65 13.32
N ALA A 52 -7.42 9.19 14.04
CA ALA A 52 -8.70 9.51 13.42
C ALA A 52 -9.14 10.90 13.87
N ASN A 53 -9.82 11.65 13.01
CA ASN A 53 -10.29 12.97 13.45
C ASN A 53 -11.52 12.78 14.34
N TYR A 54 -12.01 13.87 14.94
CA TYR A 54 -13.07 13.75 15.93
C TYR A 54 -14.38 13.26 15.32
N GLU A 55 -14.61 13.60 14.06
CA GLU A 55 -15.74 13.06 13.30
C GLU A 55 -15.70 11.54 13.26
N ALA A 56 -14.51 11.00 13.02
CA ALA A 56 -14.32 9.57 13.02
C ALA A 56 -14.44 8.95 14.43
N ARG A 57 -13.94 9.65 15.45
CA ARG A 57 -13.90 9.11 16.81
C ARG A 57 -15.28 8.91 17.42
N LYS A 58 -16.22 9.76 17.02
CA LYS A 58 -17.60 9.69 17.50
C LYS A 58 -18.21 8.32 17.27
N PHE A 59 -17.80 7.62 16.21
CA PHE A 59 -18.41 6.34 15.85
C PHE A 59 -17.51 5.18 16.27
N GLY A 60 -16.52 5.49 17.08
CA GLY A 60 -15.74 4.47 17.75
C GLY A 60 -14.38 4.17 17.13
N VAL A 61 -14.02 4.83 16.05
CA VAL A 61 -12.77 4.49 15.39
C VAL A 61 -11.66 5.34 15.99
N LYS A 62 -10.63 4.66 16.48
CA LYS A 62 -9.55 5.32 17.18
C LYS A 62 -8.24 4.55 16.97
N ALA A 63 -7.12 5.18 17.35
CA ALA A 63 -5.78 4.63 17.20
C ALA A 63 -5.65 3.23 17.75
N GLY A 64 -5.15 2.33 16.90
CA GLY A 64 -4.76 1.01 17.34
C GLY A 64 -5.77 -0.04 16.99
N ILE A 65 -6.97 0.36 16.57
CA ILE A 65 -7.93 -0.65 16.20
C ILE A 65 -7.61 -1.15 14.79
N PRO A 66 -7.94 -2.42 14.51
CA PRO A 66 -7.74 -2.99 13.17
C PRO A 66 -8.51 -2.19 12.13
N ILE A 67 -7.94 -2.05 10.93
CA ILE A 67 -8.59 -1.31 9.88
C ILE A 67 -9.94 -1.95 9.54
N VAL A 68 -9.98 -3.27 9.47
CA VAL A 68 -11.23 -3.96 9.13
C VAL A 68 -12.29 -3.69 10.18
N GLU A 69 -11.87 -3.40 11.41
CA GLU A 69 -12.80 -3.02 12.48
C GLU A 69 -13.37 -1.61 12.30
N ALA A 70 -12.50 -0.70 11.87
CA ALA A 70 -12.90 0.68 11.64
C ALA A 70 -13.86 0.78 10.47
N LYS A 71 -13.73 -0.13 9.51
CA LYS A 71 -14.57 -0.12 8.33
C LYS A 71 -15.94 -0.81 8.56
N LYS A 72 -16.10 -1.49 9.69
CA LYS A 72 -17.42 -2.00 10.05
C LYS A 72 -18.20 -0.91 10.80
N ILE A 73 -17.57 -0.29 11.81
CA ILE A 73 -18.24 0.72 12.62
C ILE A 73 -18.24 2.09 11.95
N LEU A 74 -17.53 2.21 10.82
CA LEU A 74 -17.60 3.42 9.99
C LEU A 74 -17.00 3.24 8.60
N PRO A 75 -17.74 2.54 7.71
CA PRO A 75 -17.28 2.14 6.38
C PRO A 75 -17.01 3.25 5.37
N ASN A 76 -17.73 4.37 5.43
CA ASN A 76 -17.63 5.35 4.35
C ASN A 76 -16.65 6.50 4.60
N ALA A 77 -15.96 6.46 5.73
CA ALA A 77 -14.97 7.50 6.06
C ALA A 77 -13.87 7.58 4.99
N VAL A 78 -13.14 8.68 4.98
CA VAL A 78 -11.99 8.79 4.10
C VAL A 78 -10.75 8.18 4.77
N TYR A 79 -10.27 7.09 4.19
CA TYR A 79 -9.10 6.38 4.70
C TYR A 79 -7.83 6.81 3.94
N LEU A 80 -6.77 7.10 4.67
CA LEU A 80 -5.53 7.62 4.10
C LEU A 80 -4.34 6.91 4.73
N PRO A 81 -3.30 6.62 3.93
CA PRO A 81 -2.09 5.97 4.44
C PRO A 81 -1.22 6.95 5.22
N MET A 82 -0.53 6.47 6.26
CA MET A 82 0.32 7.31 7.07
C MET A 82 1.46 7.90 6.24
N ARG A 83 1.65 9.21 6.30
CA ARG A 83 2.79 9.83 5.61
C ARG A 83 3.64 10.54 6.64
N LYS A 84 4.41 9.73 7.36
CA LYS A 84 5.08 10.18 8.57
C LYS A 84 6.11 11.29 8.29
N GLU A 85 6.73 11.26 7.12
CA GLU A 85 7.77 12.24 6.79
C GLU A 85 7.15 13.62 6.62
N VAL A 86 5.94 13.67 6.04
CA VAL A 86 5.19 14.91 5.90
C VAL A 86 4.88 15.49 7.28
N TYR A 87 4.29 14.66 8.14
CA TYR A 87 3.99 15.07 9.49
C TYR A 87 5.25 15.57 10.23
N GLN A 88 6.37 14.88 10.02
CA GLN A 88 7.59 15.22 10.74
C GLN A 88 8.16 16.58 10.30
N GLN A 89 8.03 16.90 9.02
CA GLN A 89 8.40 18.22 8.50
C GLN A 89 7.57 19.33 9.18
N VAL A 90 6.26 19.14 9.27
CA VAL A 90 5.39 20.14 9.88
C VAL A 90 5.69 20.30 11.39
N SER A 91 5.87 19.16 12.05
CA SER A 91 6.22 19.11 13.46
C SER A 91 7.52 19.90 13.73
N SER A 92 8.54 19.65 12.93
CA SER A 92 9.82 20.33 13.11
C SER A 92 9.67 21.84 13.04
N ARG A 93 8.90 22.32 12.07
CA ARG A 93 8.59 23.76 11.94
C ARG A 93 7.85 24.31 13.18
N ILE A 94 6.84 23.60 13.66
CA ILE A 94 6.13 24.09 14.83
C ILE A 94 7.03 24.13 16.09
N MET A 95 7.88 23.12 16.26
CA MET A 95 8.76 23.08 17.42
C MET A 95 9.77 24.23 17.36
N ASN A 96 10.17 24.65 16.17
CA ASN A 96 11.08 25.80 16.10
C ASN A 96 10.34 27.07 16.48
N LEU A 97 9.05 27.13 16.17
CA LEU A 97 8.20 28.21 16.66
C LEU A 97 8.17 28.18 18.19
N LEU A 98 7.86 27.02 18.77
CA LEU A 98 7.87 26.87 20.23
C LEU A 98 9.16 27.35 20.89
N ARG A 99 10.30 26.99 20.31
CA ARG A 99 11.62 27.38 20.84
C ARG A 99 11.72 28.88 21.13
N GLU A 100 11.05 29.69 20.32
CA GLU A 100 11.08 31.15 20.46
C GLU A 100 10.48 31.64 21.77
N TYR A 101 9.67 30.83 22.41
CA TYR A 101 8.98 31.25 23.62
C TYR A 101 9.74 30.86 24.86
N SER A 102 10.57 29.83 24.74
CA SER A 102 11.42 29.40 25.82
C SER A 102 12.55 28.53 25.26
N GLU A 103 13.76 28.80 25.73
CA GLU A 103 14.88 27.93 25.39
C GLU A 103 14.78 26.64 26.22
N LYS A 104 14.16 26.75 27.39
CA LYS A 104 13.91 25.60 28.24
C LYS A 104 12.75 24.79 27.70
N ILE A 105 13.02 23.99 26.68
CA ILE A 105 12.00 23.23 25.95
C ILE A 105 12.30 21.72 25.90
N GLU A 106 11.28 20.90 26.13
CA GLU A 106 11.43 19.45 26.10
C GLU A 106 10.53 18.86 25.02
N ILE A 107 11.09 18.59 23.85
CA ILE A 107 10.34 17.98 22.78
C ILE A 107 10.17 16.51 23.12
N ALA A 108 8.95 16.11 23.43
CA ALA A 108 8.69 14.78 23.99
C ALA A 108 8.31 13.77 22.91
N SER A 109 7.73 14.25 21.82
CA SER A 109 7.32 13.42 20.70
C SER A 109 7.05 14.30 19.50
N ILE A 110 6.72 13.66 18.38
CA ILE A 110 6.45 14.38 17.17
C ILE A 110 5.24 15.35 17.33
N ASP A 111 4.39 15.13 18.35
CA ASP A 111 3.25 16.03 18.44
C ASP A 111 3.15 16.83 19.74
N GLU A 112 4.18 16.80 20.59
CA GLU A 112 4.07 17.54 21.84
C GLU A 112 5.39 17.92 22.49
N ALA A 113 5.33 18.99 23.27
CA ALA A 113 6.52 19.56 23.89
C ALA A 113 6.17 20.29 25.19
N TYR A 114 7.17 20.38 26.05
CA TYR A 114 7.06 21.05 27.32
C TYR A 114 7.94 22.29 27.33
N LEU A 115 7.35 23.41 27.72
CA LEU A 115 8.06 24.67 27.90
C LEU A 115 8.11 25.03 29.38
N ASP A 116 9.31 25.35 29.89
CA ASP A 116 9.41 25.95 31.21
C ASP A 116 9.33 27.43 31.01
N ILE A 117 8.22 28.04 31.40
CA ILE A 117 8.02 29.46 31.17
C ILE A 117 8.17 30.28 32.45
N SER A 118 8.77 29.68 33.48
CA SER A 118 8.83 30.31 34.80
C SER A 118 9.46 31.71 34.75
N ASP A 119 10.59 31.84 34.06
CA ASP A 119 11.30 33.11 34.00
C ASP A 119 10.66 34.08 33.02
N LYS A 120 9.65 33.60 32.28
CA LYS A 120 9.03 34.40 31.23
C LYS A 120 7.80 35.13 31.73
N VAL A 121 7.07 34.51 32.65
CA VAL A 121 5.79 35.04 33.12
C VAL A 121 5.76 34.94 34.65
N ARG A 122 4.97 35.78 35.31
CA ARG A 122 5.01 35.83 36.77
C ARG A 122 3.86 35.07 37.44
N ASP A 123 2.86 34.67 36.66
CA ASP A 123 1.67 34.03 37.20
C ASP A 123 0.88 33.27 36.11
N TYR A 124 -0.19 32.59 36.53
CA TYR A 124 -0.97 31.77 35.62
C TYR A 124 -1.75 32.61 34.61
N ARG A 125 -2.11 33.83 35.00
CA ARG A 125 -2.84 34.73 34.08
C ARG A 125 -1.97 35.12 32.89
N GLU A 126 -0.72 35.52 33.16
CA GLU A 126 0.23 35.84 32.11
C GLU A 126 0.57 34.62 31.25
N ALA A 127 0.70 33.47 31.90
CA ALA A 127 0.95 32.21 31.20
C ALA A 127 -0.20 31.88 30.23
N TYR A 128 -1.41 32.15 30.67
CA TYR A 128 -2.58 31.85 29.86
C TYR A 128 -2.59 32.76 28.61
N ASN A 129 -2.22 34.03 28.76
CA ASN A 129 -2.10 34.92 27.61
C ASN A 129 -0.98 34.44 26.68
N LEU A 130 0.12 33.95 27.27
CA LEU A 130 1.23 33.42 26.49
C LEU A 130 0.78 32.21 25.69
N GLY A 131 0.06 31.32 26.35
CA GLY A 131 -0.48 30.15 25.69
C GLY A 131 -1.36 30.54 24.51
N LEU A 132 -2.23 31.53 24.70
CA LEU A 132 -3.09 32.01 23.63
C LEU A 132 -2.26 32.55 22.46
N GLU A 133 -1.19 33.27 22.75
CA GLU A 133 -0.32 33.82 21.71
C GLU A 133 0.36 32.67 20.93
N ILE A 134 0.73 31.61 21.65
CA ILE A 134 1.36 30.45 21.04
C ILE A 134 0.40 29.70 20.09
N LYS A 135 -0.82 29.43 20.56
CA LYS A 135 -1.84 28.85 19.69
C LYS A 135 -2.10 29.69 18.46
N ASN A 136 -2.16 31.00 18.65
CA ASN A 136 -2.44 31.92 17.56
C ASN A 136 -1.34 31.90 16.48
N LYS A 137 -0.08 31.85 16.89
CA LYS A 137 1.01 31.86 15.92
C LYS A 137 1.11 30.50 15.21
N ILE A 138 0.83 29.43 15.92
CA ILE A 138 0.90 28.12 15.29
C ILE A 138 -0.22 27.98 14.25
N LEU A 139 -1.41 28.48 14.61
CA LEU A 139 -2.54 28.47 13.68
C LEU A 139 -2.22 29.32 12.46
N GLU A 140 -1.61 30.48 12.70
CA GLU A 140 -1.33 31.43 11.62
C GLU A 140 -0.32 30.87 10.62
N LYS A 141 0.80 30.35 11.12
CA LYS A 141 1.91 29.89 10.28
C LYS A 141 1.71 28.50 9.68
N GLU A 142 0.94 27.65 10.34
CA GLU A 142 0.85 26.24 9.94
C GLU A 142 -0.58 25.72 9.81
N LYS A 143 -1.57 26.54 10.20
CA LYS A 143 -2.99 26.20 10.07
C LYS A 143 -3.34 24.99 10.94
N ILE A 144 -2.55 24.78 11.99
CA ILE A 144 -2.69 23.63 12.87
C ILE A 144 -3.17 24.08 14.24
N THR A 145 -4.29 23.53 14.70
CA THR A 145 -4.79 23.78 16.04
C THR A 145 -4.03 22.90 17.03
N VAL A 146 -3.72 23.50 18.16
CA VAL A 146 -3.04 22.82 19.25
C VAL A 146 -3.80 23.06 20.54
N THR A 147 -3.59 22.18 21.50
CA THR A 147 -4.15 22.37 22.83
C THR A 147 -3.04 22.65 23.84
N VAL A 148 -3.23 23.66 24.68
CA VAL A 148 -2.24 24.05 25.69
C VAL A 148 -2.63 23.67 27.11
N GLY A 149 -1.71 23.04 27.84
CA GLY A 149 -1.91 22.79 29.25
C GLY A 149 -0.89 23.60 30.06
N ILE A 150 -1.34 24.12 31.20
CA ILE A 150 -0.51 24.96 32.05
C ILE A 150 -0.73 24.56 33.49
N SER A 151 0.35 24.15 34.16
CA SER A 151 0.29 23.84 35.58
C SER A 151 1.68 23.92 36.20
N LYS A 152 1.86 23.30 37.37
CA LYS A 152 3.06 23.49 38.18
C LYS A 152 4.18 22.52 37.83
N ASN A 153 3.84 21.47 37.08
CA ASN A 153 4.82 20.49 36.63
C ASN A 153 4.36 19.85 35.32
N LYS A 154 5.23 19.04 34.72
CA LYS A 154 5.03 18.47 33.39
C LYS A 154 3.80 17.58 33.33
N VAL A 155 3.59 16.78 34.37
CA VAL A 155 2.52 15.80 34.31
C VAL A 155 1.17 16.49 34.33
N PHE A 156 1.00 17.44 35.24
CA PHE A 156 -0.28 18.11 35.34
C PHE A 156 -0.52 19.10 34.21
N ALA A 157 0.54 19.65 33.62
CA ALA A 157 0.33 20.48 32.43
C ALA A 157 -0.24 19.62 31.28
N LYS A 158 0.24 18.40 31.11
CA LYS A 158 -0.30 17.51 30.08
C LYS A 158 -1.75 17.08 30.40
N ILE A 159 -2.01 16.80 31.66
CA ILE A 159 -3.35 16.47 32.08
C ILE A 159 -4.30 17.63 31.75
N ALA A 160 -3.82 18.85 31.91
CA ALA A 160 -4.66 19.98 31.58
C ALA A 160 -5.00 19.99 30.08
N ALA A 161 -4.01 19.73 29.25
CA ALA A 161 -4.21 19.68 27.80
C ALA A 161 -5.16 18.53 27.45
N ASP A 162 -5.01 17.38 28.12
CA ASP A 162 -5.86 16.21 27.89
C ASP A 162 -7.31 16.59 28.14
N MET A 163 -7.51 17.40 29.15
CA MET A 163 -8.79 17.95 29.52
C MET A 163 -9.36 19.03 28.57
N ALA A 164 -8.52 19.86 27.99
CA ALA A 164 -8.97 21.02 27.23
C ALA A 164 -9.52 20.72 25.80
N LYS A 165 -9.69 19.43 25.55
CA LYS A 165 -10.38 18.86 24.36
C LYS A 165 -9.57 19.28 23.20
N PRO A 166 -10.13 19.39 21.93
CA PRO A 166 -9.23 19.99 20.95
C PRO A 166 -9.31 21.52 20.87
N ASN A 167 -8.25 22.13 20.38
CA ASN A 167 -8.11 23.54 20.25
C ASN A 167 -8.51 24.29 21.51
N GLY A 168 -8.00 23.83 22.65
CA GLY A 168 -8.33 24.37 23.95
C GLY A 168 -7.12 24.91 24.62
N ILE A 169 -7.30 25.47 25.81
CA ILE A 169 -6.21 25.91 26.68
C ILE A 169 -6.76 25.89 28.08
N LYS A 170 -5.95 25.46 29.05
CA LYS A 170 -6.47 25.25 30.40
C LYS A 170 -5.33 25.37 31.41
N VAL A 171 -5.63 26.03 32.53
CA VAL A 171 -4.74 26.11 33.68
C VAL A 171 -5.26 25.24 34.83
N ILE A 172 -4.39 24.40 35.36
CA ILE A 172 -4.67 23.63 36.57
C ILE A 172 -3.90 24.30 37.70
N ASP A 173 -4.59 25.08 38.54
CA ASP A 173 -3.90 25.75 39.64
C ASP A 173 -3.73 24.80 40.82
N ASP A 174 -3.22 25.32 41.93
CA ASP A 174 -2.85 24.47 43.05
C ASP A 174 -4.06 23.83 43.75
N GLU A 175 -5.13 24.59 43.97
CA GLU A 175 -6.37 24.00 44.45
C GLU A 175 -6.77 22.88 43.50
N GLU A 176 -6.63 23.14 42.20
CA GLU A 176 -7.04 22.16 41.20
C GLU A 176 -6.22 20.86 41.23
N VAL A 177 -4.91 20.93 41.42
CA VAL A 177 -4.14 19.69 41.54
C VAL A 177 -4.62 18.83 42.72
N LYS A 178 -4.88 19.47 43.85
CA LYS A 178 -5.34 18.75 45.02
C LYS A 178 -6.65 18.01 44.75
N ARG A 179 -7.57 18.66 44.04
CA ARG A 179 -8.80 18.03 43.66
C ARG A 179 -8.56 16.88 42.68
N LEU A 180 -7.66 17.10 41.76
CA LEU A 180 -7.35 16.10 40.76
C LEU A 180 -6.66 14.86 41.29
N ILE A 181 -5.75 15.05 42.23
CA ILE A 181 -5.10 13.93 42.89
C ILE A 181 -6.15 12.95 43.45
N ARG A 182 -7.21 13.50 44.03
CA ARG A 182 -8.25 12.68 44.63
C ARG A 182 -9.26 12.10 43.62
N GLU A 183 -9.51 12.80 42.54
CA GLU A 183 -10.66 12.42 41.71
C GLU A 183 -10.26 11.86 40.33
N LEU A 184 -9.02 12.07 39.94
CA LEU A 184 -8.61 11.65 38.60
C LEU A 184 -8.35 10.16 38.55
N ASP A 185 -8.84 9.52 37.49
CA ASP A 185 -8.60 8.12 37.25
C ASP A 185 -7.15 7.88 36.89
N ILE A 186 -6.60 6.82 37.47
CA ILE A 186 -5.22 6.42 37.29
C ILE A 186 -4.89 6.22 35.82
N ALA A 187 -5.88 5.76 35.04
CA ALA A 187 -5.70 5.56 33.60
C ALA A 187 -5.59 6.87 32.86
N ASP A 188 -5.92 7.97 33.51
CA ASP A 188 -5.83 9.28 32.89
C ASP A 188 -4.45 9.91 33.19
N VAL A 189 -3.58 9.17 33.85
CA VAL A 189 -2.24 9.66 34.17
C VAL A 189 -1.24 9.39 33.05
N PRO A 190 -0.57 10.45 32.57
CA PRO A 190 0.48 10.32 31.56
C PRO A 190 1.45 9.20 31.90
N GLY A 191 1.77 8.36 30.92
CA GLY A 191 2.67 7.24 31.14
C GLY A 191 2.05 6.00 31.75
N ILE A 192 0.76 6.04 32.05
CA ILE A 192 0.12 4.86 32.61
C ILE A 192 -0.85 4.30 31.59
N GLY A 193 -0.46 3.20 30.98
CA GLY A 193 -1.26 2.59 29.94
C GLY A 193 -2.28 1.62 30.52
N ASN A 194 -2.99 0.96 29.63
CA ASN A 194 -4.03 0.05 30.07
C ASN A 194 -3.50 -1.20 30.78
N ILE A 195 -2.29 -1.66 30.43
CA ILE A 195 -1.78 -2.83 31.17
C ILE A 195 -1.66 -2.51 32.67
N THR A 196 -1.17 -1.30 32.95
CA THR A 196 -0.99 -0.86 34.32
C THR A 196 -2.30 -0.47 34.99
N ALA A 197 -3.14 0.28 34.29
CA ALA A 197 -4.41 0.72 34.87
C ALA A 197 -5.32 -0.45 35.26
N GLU A 198 -5.41 -1.46 34.40
CA GLU A 198 -6.33 -2.57 34.64
C GLU A 198 -5.97 -3.38 35.88
N LYS A 199 -4.70 -3.76 36.01
CA LYS A 199 -4.30 -4.59 37.14
C LYS A 199 -4.50 -3.84 38.47
N LEU A 200 -4.15 -2.56 38.50
CA LEU A 200 -4.45 -1.73 39.67
C LEU A 200 -5.95 -1.68 39.95
N LYS A 201 -6.75 -1.54 38.89
CA LYS A 201 -8.20 -1.37 39.04
C LYS A 201 -8.86 -2.61 39.65
N LYS A 202 -8.28 -3.78 39.41
CA LYS A 202 -8.80 -5.03 39.96
C LYS A 202 -8.63 -5.07 41.48
N LEU A 203 -7.70 -4.26 41.98
CA LEU A 203 -7.42 -4.16 43.42
C LEU A 203 -8.13 -2.96 44.05
N GLY A 204 -8.87 -2.22 43.23
CA GLY A 204 -9.60 -1.06 43.72
C GLY A 204 -8.76 0.21 43.69
N ILE A 205 -7.57 0.13 43.10
CA ILE A 205 -6.70 1.29 42.97
C ILE A 205 -7.08 2.04 41.70
N ASN A 206 -7.99 3.00 41.85
CA ASN A 206 -8.62 3.66 40.71
C ASN A 206 -8.24 5.13 40.58
N LYS A 207 -7.94 5.74 41.71
CA LYS A 207 -7.59 7.15 41.78
C LYS A 207 -6.16 7.28 42.24
N LEU A 208 -5.48 8.33 41.79
CA LEU A 208 -4.11 8.61 42.21
C LEU A 208 -3.91 8.50 43.74
N VAL A 209 -4.82 9.12 44.49
CA VAL A 209 -4.73 9.12 45.94
C VAL A 209 -4.72 7.70 46.55
N ASP A 210 -5.38 6.72 45.89
CA ASP A 210 -5.41 5.33 46.36
C ASP A 210 -4.02 4.70 46.47
N THR A 211 -3.09 5.24 45.70
CA THR A 211 -1.74 4.69 45.57
C THR A 211 -1.00 4.80 46.90
N LEU A 212 -1.47 5.71 47.71
CA LEU A 212 -0.93 5.92 49.03
C LEU A 212 -1.46 4.88 50.03
N SER A 213 -2.62 4.31 49.78
CA SER A 213 -3.30 3.38 50.69
C SER A 213 -2.71 1.96 50.66
N ILE A 214 -1.88 1.69 49.67
CA ILE A 214 -1.35 0.35 49.46
C ILE A 214 0.12 0.32 49.82
N GLU A 215 0.53 -0.79 50.43
CA GLU A 215 1.92 -0.99 50.81
C GLU A 215 2.81 -0.82 49.59
N PHE A 216 3.92 -0.09 49.75
CA PHE A 216 4.81 0.20 48.63
C PHE A 216 5.29 -1.08 47.96
N ASP A 217 5.63 -2.09 48.76
CA ASP A 217 6.22 -3.32 48.23
C ASP A 217 5.25 -4.07 47.32
N LYS A 218 3.98 -4.10 47.71
CA LYS A 218 2.95 -4.70 46.86
C LYS A 218 2.78 -3.92 45.55
N LEU A 219 2.85 -2.59 45.64
CA LEU A 219 2.66 -1.76 44.45
C LEU A 219 3.80 -1.99 43.47
N LYS A 220 5.04 -1.98 43.97
CA LYS A 220 6.24 -2.29 43.18
C LYS A 220 6.24 -3.68 42.55
N GLY A 221 5.66 -4.66 43.23
CA GLY A 221 5.59 -6.01 42.70
C GLY A 221 4.58 -6.11 41.57
N MET A 222 3.67 -5.15 41.51
CA MET A 222 2.60 -5.14 40.51
C MET A 222 2.97 -4.37 39.24
N ILE A 223 3.55 -3.19 39.40
CA ILE A 223 3.73 -2.30 38.25
C ILE A 223 5.17 -1.83 38.12
N GLY A 224 6.02 -2.31 39.02
CA GLY A 224 7.44 -2.00 38.93
C GLY A 224 7.81 -0.80 39.76
N GLU A 225 9.05 -0.78 40.23
CA GLU A 225 9.57 0.27 41.11
C GLU A 225 9.41 1.67 40.53
N ALA A 226 9.73 1.86 39.26
CA ALA A 226 9.67 3.17 38.63
C ALA A 226 8.27 3.74 38.60
N LYS A 227 7.32 2.99 38.10
CA LYS A 227 5.97 3.47 38.03
C LYS A 227 5.38 3.74 39.43
N ALA A 228 5.67 2.85 40.37
CA ALA A 228 5.29 2.99 41.78
C ALA A 228 5.69 4.33 42.32
N LYS A 229 6.98 4.56 42.32
CA LYS A 229 7.53 5.84 42.79
C LYS A 229 6.95 7.02 42.02
N TYR A 230 6.70 6.83 40.73
CA TYR A 230 6.16 7.90 39.90
C TYR A 230 4.75 8.30 40.38
N LEU A 231 3.88 7.31 40.51
CA LEU A 231 2.51 7.54 40.96
C LEU A 231 2.48 8.08 42.40
N ILE A 232 3.32 7.48 43.25
CA ILE A 232 3.39 7.93 44.64
C ILE A 232 3.81 9.39 44.71
N SER A 233 4.83 9.75 43.95
CA SER A 233 5.25 11.15 43.95
C SER A 233 4.14 12.09 43.46
N LEU A 234 3.31 11.61 42.53
CA LEU A 234 2.17 12.41 42.07
C LEU A 234 1.08 12.61 43.13
N ALA A 235 0.66 11.51 43.75
CA ALA A 235 -0.41 11.57 44.75
C ALA A 235 0.03 12.40 45.98
N ARG A 236 1.34 12.49 46.19
CA ARG A 236 1.89 13.23 47.31
C ARG A 236 2.09 14.70 46.97
N ASP A 237 1.74 15.07 45.74
CA ASP A 237 1.98 16.41 45.19
C ASP A 237 3.43 16.85 45.41
N GLU A 238 4.37 16.00 45.00
CA GLU A 238 5.78 16.36 45.04
C GLU A 238 6.52 15.78 43.84
N TYR A 239 5.87 15.83 42.69
CA TYR A 239 6.54 15.41 41.48
C TYR A 239 7.50 16.53 41.06
N ASN A 240 8.75 16.15 40.83
CA ASN A 240 9.82 17.10 40.51
C ASN A 240 10.15 17.10 39.00
N GLU A 241 11.29 16.52 38.65
CA GLU A 241 11.67 16.35 37.25
C GLU A 241 11.61 17.64 36.43
N PRO A 242 12.75 18.33 36.30
CA PRO A 242 12.73 19.55 35.47
C PRO A 242 12.50 19.29 33.99
N ILE A 243 12.20 20.36 33.27
CA ILE A 243 12.10 20.30 31.82
C ILE A 243 13.51 20.25 31.24
N ARG A 244 13.83 19.18 30.53
CA ARG A 244 15.16 19.04 29.94
C ARG A 244 15.13 18.65 28.46
N THR A 245 16.19 18.99 27.74
CA THR A 245 16.30 18.65 26.32
C THR A 245 16.25 17.12 26.12
N ARG A 246 15.45 16.71 25.15
CA ARG A 246 15.27 15.30 24.86
C ARG A 246 15.59 15.05 23.39
N VAL A 247 16.35 13.99 23.13
CA VAL A 247 16.55 13.54 21.74
C VAL A 247 15.94 12.15 21.55
N ARG A 248 15.50 11.86 20.32
CA ARG A 248 15.03 10.51 19.99
C ARG A 248 16.20 9.57 20.24
N LYS A 249 15.96 8.48 20.99
CA LYS A 249 17.04 7.60 21.40
C LYS A 249 17.31 6.51 20.36
N SER A 250 16.27 6.14 19.61
CA SER A 250 16.40 5.08 18.62
C SER A 250 15.61 5.40 17.36
N ILE A 251 16.11 4.91 16.26
CA ILE A 251 15.47 5.02 14.97
C ILE A 251 15.47 3.63 14.37
N GLY A 252 14.37 3.23 13.74
CA GLY A 252 14.33 1.93 13.09
C GLY A 252 13.23 1.78 12.07
N ARG A 253 13.28 0.67 11.33
CA ARG A 253 12.22 0.30 10.39
C ARG A 253 11.79 -1.12 10.65
N ILE A 254 10.48 -1.34 10.76
CA ILE A 254 9.93 -2.69 10.79
C ILE A 254 8.91 -2.85 9.68
N VAL A 255 9.03 -3.91 8.89
CA VAL A 255 8.13 -4.11 7.76
C VAL A 255 7.43 -5.45 7.82
N THR A 256 6.26 -5.53 7.21
CA THR A 256 5.54 -6.79 7.10
C THR A 256 5.96 -7.47 5.81
N MET A 257 6.21 -8.78 5.89
CA MET A 257 6.53 -9.55 4.70
C MET A 257 5.27 -10.18 4.11
N LYS A 258 5.28 -10.39 2.80
CA LYS A 258 4.18 -11.05 2.12
C LYS A 258 4.15 -12.54 2.46
N ARG A 259 3.77 -12.85 3.70
CA ARG A 259 3.73 -14.24 4.17
C ARG A 259 5.12 -14.72 4.54
N ASN A 260 5.76 -15.43 3.61
CA ASN A 260 7.12 -15.94 3.84
C ASN A 260 7.18 -16.98 4.95
N SER A 261 8.39 -17.23 5.45
CA SER A 261 8.60 -18.22 6.51
C SER A 261 9.99 -18.12 7.18
N ARG A 262 10.76 -19.20 7.11
CA ARG A 262 12.04 -19.31 7.81
C ARG A 262 13.24 -19.01 6.92
N ASN A 263 13.03 -19.04 5.61
CA ASN A 263 14.13 -18.93 4.64
C ASN A 263 14.90 -17.63 4.82
N LEU A 264 16.21 -17.77 4.99
CA LEU A 264 17.12 -16.65 5.20
C LEU A 264 17.12 -15.71 4.01
N GLU A 265 17.47 -16.27 2.85
CA GLU A 265 17.58 -15.49 1.62
C GLU A 265 16.23 -14.89 1.21
N GLU A 266 15.16 -15.45 1.75
CA GLU A 266 13.83 -14.89 1.55
C GLU A 266 13.59 -13.68 2.47
N ILE A 267 14.03 -13.78 3.72
CA ILE A 267 13.80 -12.70 4.71
C ILE A 267 14.73 -11.52 4.45
N LYS A 268 15.97 -11.84 4.07
CA LYS A 268 17.03 -10.85 3.86
C LYS A 268 16.68 -9.61 3.02
N PRO A 269 15.91 -9.76 1.92
CA PRO A 269 15.58 -8.53 1.17
C PRO A 269 14.76 -7.50 1.96
N TYR A 270 13.84 -7.94 2.81
CA TYR A 270 13.06 -6.98 3.62
C TYR A 270 13.98 -6.28 4.61
N LEU A 271 14.69 -7.09 5.39
CA LEU A 271 15.64 -6.61 6.38
C LEU A 271 16.53 -5.52 5.80
N PHE A 272 17.05 -5.78 4.60
CA PHE A 272 17.93 -4.85 3.90
C PHE A 272 17.24 -3.51 3.64
N ARG A 273 15.97 -3.56 3.24
CA ARG A 273 15.22 -2.34 2.95
C ARG A 273 15.04 -1.52 4.24
N ALA A 274 14.62 -2.20 5.30
CA ALA A 274 14.50 -1.59 6.61
C ALA A 274 15.80 -0.89 7.02
N ILE A 275 16.94 -1.51 6.71
CA ILE A 275 18.23 -0.88 7.00
C ILE A 275 18.42 0.41 6.18
N GLU A 276 18.07 0.34 4.90
CA GLU A 276 18.19 1.50 4.02
C GLU A 276 17.43 2.68 4.59
N GLU A 277 16.16 2.43 4.88
CA GLU A 277 15.26 3.43 5.43
C GLU A 277 15.74 3.93 6.78
N SER A 278 16.31 3.03 7.59
CA SER A 278 16.82 3.41 8.91
C SER A 278 18.07 4.27 8.81
N TYR A 279 18.95 4.00 7.84
CA TYR A 279 20.12 4.86 7.67
C TYR A 279 19.73 6.17 7.01
N TYR A 280 18.73 6.11 6.15
CA TYR A 280 18.10 7.32 5.61
C TYR A 280 17.59 8.20 6.76
N LYS A 281 16.74 7.64 7.62
CA LYS A 281 16.13 8.42 8.69
C LYS A 281 17.15 8.86 9.75
N LEU A 282 18.29 8.18 9.83
CA LEU A 282 19.26 8.50 10.88
C LEU A 282 20.00 9.82 10.62
N ASP A 283 19.97 10.27 9.37
CA ASP A 283 20.79 11.42 8.92
C ASP A 283 22.28 11.11 9.11
N LYS A 284 22.98 11.99 9.82
CA LYS A 284 24.39 11.77 10.10
C LYS A 284 24.61 11.61 11.59
N ARG A 285 23.70 10.85 12.20
CA ARG A 285 23.73 10.56 13.64
C ARG A 285 24.75 9.51 14.11
N ILE A 286 24.78 8.38 13.44
CA ILE A 286 25.79 7.38 13.72
C ILE A 286 25.48 6.52 14.96
N PRO A 287 24.85 5.38 14.80
CA PRO A 287 24.54 4.55 15.97
C PRO A 287 25.68 3.62 16.37
N LYS A 288 25.71 3.23 17.65
CA LYS A 288 26.68 2.27 18.15
C LYS A 288 26.04 0.92 18.42
N ALA A 289 24.72 0.88 18.38
CA ALA A 289 24.02 -0.36 18.66
C ALA A 289 23.05 -0.68 17.54
N ILE A 290 22.75 -1.95 17.37
CA ILE A 290 21.78 -2.37 16.36
C ILE A 290 20.97 -3.56 16.88
N HIS A 291 19.66 -3.51 16.67
CA HIS A 291 18.80 -4.63 17.02
C HIS A 291 18.06 -5.10 15.79
N VAL A 292 18.04 -6.41 15.55
CA VAL A 292 17.15 -6.97 14.55
C VAL A 292 15.93 -7.48 15.29
N VAL A 293 14.76 -7.07 14.83
CA VAL A 293 13.51 -7.48 15.47
C VAL A 293 12.62 -8.23 14.48
N ALA A 294 12.18 -9.39 14.90
CA ALA A 294 11.20 -10.12 14.17
C ALA A 294 9.94 -10.38 14.94
N VAL A 295 8.87 -10.34 14.21
CA VAL A 295 7.57 -10.70 14.72
C VAL A 295 7.09 -12.05 14.16
N THR A 296 6.86 -12.98 15.06
CA THR A 296 6.50 -14.35 14.66
C THR A 296 5.08 -14.57 14.17
N GLU A 297 4.77 -15.82 13.87
CA GLU A 297 3.44 -16.18 13.37
C GLU A 297 2.33 -15.89 14.39
N ASP A 298 2.71 -15.52 15.60
CA ASP A 298 1.75 -15.07 16.61
C ASP A 298 1.93 -13.60 16.89
N LEU A 299 1.43 -13.17 18.05
CA LEU A 299 1.71 -11.83 18.55
C LEU A 299 3.06 -11.83 19.28
N ASP A 300 3.95 -12.71 18.87
CA ASP A 300 5.20 -12.92 19.58
C ASP A 300 6.32 -12.13 18.92
N ILE A 301 6.98 -11.29 19.72
CA ILE A 301 7.98 -10.38 19.19
C ILE A 301 9.36 -10.72 19.75
N VAL A 302 10.26 -11.11 18.87
CA VAL A 302 11.58 -11.57 19.29
C VAL A 302 12.71 -10.78 18.63
N SER A 303 13.69 -10.39 19.43
CA SER A 303 14.79 -9.58 18.93
C SER A 303 16.15 -10.07 19.41
N ARG A 304 17.17 -9.72 18.64
CA ARG A 304 18.57 -9.97 19.01
C ARG A 304 19.37 -8.76 18.59
N GLY A 305 20.26 -8.33 19.47
CA GLY A 305 21.00 -7.11 19.24
C GLY A 305 22.48 -7.24 19.51
N ARG A 306 23.23 -6.25 19.03
CA ARG A 306 24.66 -6.18 19.30
C ARG A 306 25.11 -4.74 19.39
N THR A 307 25.94 -4.45 20.38
CA THR A 307 26.47 -3.10 20.59
C THR A 307 28.00 -3.10 20.41
N PHE A 308 28.50 -2.07 19.74
CA PHE A 308 29.95 -1.96 19.45
C PHE A 308 30.62 -0.82 20.21
N PRO A 309 31.95 -0.87 20.38
CA PRO A 309 32.64 0.28 20.98
C PRO A 309 32.85 1.45 20.00
N HIS A 310 32.08 1.48 18.91
CA HIS A 310 32.29 2.47 17.86
C HIS A 310 31.06 2.57 16.97
N GLY A 311 31.09 3.50 16.02
CA GLY A 311 29.99 3.68 15.10
C GLY A 311 29.81 2.49 14.15
N ILE A 312 28.56 2.27 13.76
CA ILE A 312 28.20 1.21 12.82
C ILE A 312 28.05 1.79 11.42
N SER A 313 28.97 1.45 10.53
CA SER A 313 28.81 1.89 9.15
C SER A 313 27.63 1.14 8.53
N LYS A 314 27.02 1.75 7.53
CA LYS A 314 25.84 1.16 6.89
C LYS A 314 26.15 -0.22 6.32
N GLU A 315 27.35 -0.38 5.75
CA GLU A 315 27.70 -1.66 5.15
C GLU A 315 27.84 -2.69 6.26
N THR A 316 28.38 -2.24 7.37
CA THR A 316 28.58 -3.06 8.54
C THR A 316 27.22 -3.44 9.15
N ALA A 317 26.24 -2.55 9.00
CA ALA A 317 24.89 -2.83 9.48
C ALA A 317 24.33 -4.07 8.78
N TYR A 318 24.54 -4.15 7.48
CA TYR A 318 24.11 -5.30 6.67
C TYR A 318 24.58 -6.66 7.22
N SER A 319 25.89 -6.83 7.38
CA SER A 319 26.49 -8.09 7.84
C SER A 319 25.97 -8.54 9.21
N GLU A 320 26.22 -7.70 10.22
CA GLU A 320 25.73 -7.94 11.57
C GLU A 320 24.24 -8.25 11.64
N SER A 321 23.43 -7.54 10.86
CA SER A 321 21.99 -7.75 10.92
C SER A 321 21.57 -9.12 10.41
N VAL A 322 22.33 -9.65 9.43
CA VAL A 322 22.07 -10.98 8.91
C VAL A 322 22.37 -12.02 9.97
N LYS A 323 23.53 -11.86 10.61
CA LYS A 323 23.95 -12.70 11.73
C LYS A 323 22.93 -12.75 12.85
N LEU A 324 22.54 -11.57 13.34
CA LEU A 324 21.50 -11.46 14.34
C LEU A 324 20.22 -12.18 13.89
N LEU A 325 19.86 -12.01 12.63
CA LEU A 325 18.70 -12.72 12.08
C LEU A 325 18.94 -14.23 12.12
N GLN A 326 20.16 -14.64 11.81
CA GLN A 326 20.48 -16.07 11.83
C GLN A 326 20.25 -16.64 13.22
N LYS A 327 20.51 -15.83 14.22
CA LYS A 327 20.34 -16.28 15.59
C LYS A 327 18.86 -16.42 15.93
N ILE A 328 18.07 -15.43 15.52
CA ILE A 328 16.62 -15.50 15.74
C ILE A 328 16.04 -16.75 15.09
N LEU A 329 16.42 -17.01 13.83
CA LEU A 329 16.00 -18.20 13.08
C LEU A 329 16.42 -19.50 13.77
N GLU A 330 17.57 -19.46 14.41
CA GLU A 330 18.14 -20.64 15.05
C GLU A 330 17.50 -20.86 16.42
N GLU A 331 17.18 -19.77 17.11
CA GLU A 331 16.61 -19.89 18.46
C GLU A 331 15.10 -19.64 18.52
N ASP A 332 14.40 -19.97 17.44
CA ASP A 332 12.95 -19.83 17.43
C ASP A 332 12.34 -20.55 16.22
N GLU A 333 11.44 -21.49 16.49
CA GLU A 333 10.90 -22.37 15.45
C GLU A 333 9.81 -21.70 14.61
N ARG A 334 8.99 -20.86 15.24
CA ARG A 334 7.92 -20.16 14.54
C ARG A 334 8.44 -19.45 13.30
N LYS A 335 7.58 -19.33 12.29
CA LYS A 335 7.96 -18.61 11.09
C LYS A 335 7.89 -17.12 11.38
N ILE A 336 8.46 -16.30 10.50
CA ILE A 336 8.54 -14.87 10.75
C ILE A 336 7.57 -14.11 9.84
N ARG A 337 6.82 -13.18 10.41
CA ARG A 337 5.87 -12.41 9.65
C ARG A 337 6.43 -11.04 9.30
N ARG A 338 6.93 -10.36 10.33
CA ARG A 338 7.46 -9.02 10.14
C ARG A 338 8.91 -8.98 10.58
N ILE A 339 9.73 -8.24 9.84
CA ILE A 339 11.16 -8.17 10.14
C ILE A 339 11.62 -6.72 10.20
N GLY A 340 12.47 -6.40 11.17
CA GLY A 340 12.97 -5.05 11.23
C GLY A 340 14.34 -4.87 11.84
N VAL A 341 14.73 -3.61 11.94
CA VAL A 341 15.99 -3.26 12.57
C VAL A 341 15.82 -1.94 13.31
N ARG A 342 16.40 -1.86 14.51
CA ARG A 342 16.42 -0.63 15.27
C ARG A 342 17.85 -0.19 15.53
N PHE A 343 18.12 1.10 15.39
CA PHE A 343 19.46 1.62 15.67
C PHE A 343 19.39 2.57 16.86
N SER A 344 20.35 2.46 17.76
CA SER A 344 20.35 3.24 19.00
C SER A 344 21.78 3.56 19.45
N LYS A 345 21.89 4.17 20.63
CA LYS A 345 23.18 4.43 21.27
C LYS A 345 24.11 5.24 20.37
N PHE A 346 23.55 6.32 19.84
CA PHE A 346 24.21 7.22 18.90
C PHE A 346 25.45 7.91 19.44
N ILE A 347 26.36 8.24 18.52
CA ILE A 347 27.52 9.06 18.85
C ILE A 347 27.06 10.33 19.54
N GLU A 348 27.60 10.59 20.73
CA GLU A 348 27.14 11.68 21.60
C GLU A 348 25.65 11.52 21.90
N HIS B 6 17.91 -14.36 -39.75
CA HIS B 6 18.64 -13.30 -39.06
C HIS B 6 17.75 -12.58 -38.06
N MET B 7 16.58 -13.15 -37.80
CA MET B 7 15.76 -12.66 -36.70
C MET B 7 14.97 -13.80 -36.08
N ILE B 8 15.20 -14.01 -34.79
CA ILE B 8 14.59 -15.10 -34.06
C ILE B 8 14.00 -14.58 -32.74
N VAL B 9 12.69 -14.74 -32.56
CA VAL B 9 11.98 -14.23 -31.39
C VAL B 9 11.47 -15.38 -30.52
N LEU B 10 11.73 -15.28 -29.22
CA LEU B 10 11.24 -16.27 -28.27
C LEU B 10 10.23 -15.58 -27.36
N PHE B 11 9.01 -16.11 -27.36
CA PHE B 11 7.90 -15.55 -26.62
C PHE B 11 7.59 -16.46 -25.43
N VAL B 12 7.25 -15.85 -24.30
CA VAL B 12 7.00 -16.60 -23.08
C VAL B 12 5.68 -16.20 -22.48
N ASP B 13 4.78 -17.17 -22.32
CA ASP B 13 3.51 -16.93 -21.69
C ASP B 13 3.33 -17.82 -20.45
N PHE B 14 2.98 -17.20 -19.32
CA PHE B 14 2.75 -17.95 -18.09
C PHE B 14 1.40 -18.65 -18.21
N ASP B 15 1.36 -19.95 -17.93
CA ASP B 15 0.15 -20.76 -18.15
C ASP B 15 -0.94 -20.44 -17.11
N TYR B 16 -2.16 -20.14 -17.61
CA TYR B 16 -3.35 -19.83 -16.78
C TYR B 16 -2.95 -19.15 -15.46
N PHE B 17 -2.16 -18.09 -15.62
CA PHE B 17 -1.29 -17.56 -14.57
C PHE B 17 -1.94 -17.28 -13.19
N TYR B 18 -3.05 -16.54 -13.13
CA TYR B 18 -3.62 -16.22 -11.79
C TYR B 18 -4.02 -17.49 -11.04
N ALA B 19 -4.62 -18.42 -11.77
CA ALA B 19 -5.09 -19.65 -11.17
C ALA B 19 -3.92 -20.60 -10.90
N GLN B 20 -2.83 -20.45 -11.66
CA GLN B 20 -1.65 -21.25 -11.34
C GLN B 20 -0.93 -20.77 -10.07
N VAL B 21 -0.77 -19.46 -9.90
CA VAL B 21 -0.05 -18.97 -8.71
C VAL B 21 -0.87 -19.32 -7.46
N GLU B 22 -2.19 -19.33 -7.55
CA GLU B 22 -3.03 -19.85 -6.44
C GLU B 22 -2.75 -21.32 -6.12
N GLU B 23 -2.52 -22.12 -7.16
CA GLU B 23 -2.20 -23.53 -7.01
C GLU B 23 -0.86 -23.72 -6.32
N VAL B 24 0.14 -22.97 -6.75
CA VAL B 24 1.44 -22.95 -6.11
C VAL B 24 1.35 -22.67 -4.60
N LEU B 25 0.66 -21.58 -4.26
CA LEU B 25 0.53 -21.16 -2.88
C LEU B 25 -0.32 -22.13 -2.06
N ASN B 26 -1.31 -22.75 -2.69
CA ASN B 26 -2.06 -23.82 -2.04
C ASN B 26 -1.99 -25.08 -2.89
N PRO B 27 -0.90 -25.86 -2.75
CA PRO B 27 -0.60 -27.05 -3.53
C PRO B 27 -1.73 -28.10 -3.63
N SER B 28 -2.68 -28.08 -2.72
CA SER B 28 -3.75 -29.10 -2.74
C SER B 28 -4.76 -28.84 -3.84
N LEU B 29 -4.71 -27.63 -4.42
CA LEU B 29 -5.63 -27.22 -5.48
C LEU B 29 -5.24 -27.85 -6.80
N LYS B 30 -3.97 -28.23 -6.94
CA LYS B 30 -3.46 -28.77 -8.19
C LYS B 30 -4.32 -29.95 -8.64
N GLY B 31 -4.65 -29.98 -9.93
CA GLY B 31 -5.40 -31.10 -10.47
C GLY B 31 -6.89 -31.04 -10.19
N LYS B 32 -7.32 -30.02 -9.45
CA LYS B 32 -8.74 -29.71 -9.22
C LYS B 32 -9.15 -28.40 -9.88
N PRO B 33 -10.43 -28.29 -10.29
CA PRO B 33 -10.82 -27.05 -10.98
C PRO B 33 -10.76 -25.83 -10.06
N VAL B 34 -10.04 -24.84 -10.54
CA VAL B 34 -9.83 -23.60 -9.81
C VAL B 34 -10.37 -22.44 -10.65
N VAL B 35 -11.15 -21.54 -10.04
CA VAL B 35 -11.73 -20.39 -10.75
C VAL B 35 -11.39 -19.08 -10.02
N VAL B 36 -10.47 -18.30 -10.55
CA VAL B 36 -10.10 -17.02 -9.94
C VAL B 36 -11.02 -15.93 -10.50
N CYS B 37 -11.73 -15.24 -9.61
CA CYS B 37 -12.74 -14.30 -10.04
C CYS B 37 -12.53 -12.93 -9.46
N VAL B 38 -13.14 -11.95 -10.10
CA VAL B 38 -13.31 -10.65 -9.46
C VAL B 38 -14.75 -10.48 -8.96
N PHE B 39 -14.90 -10.31 -7.65
CA PHE B 39 -16.21 -10.08 -7.05
C PHE B 39 -16.48 -8.58 -6.96
N SER B 40 -17.61 -8.14 -7.50
CA SER B 40 -17.94 -6.71 -7.52
C SER B 40 -18.27 -6.16 -6.13
N GLY B 41 -18.70 -7.05 -5.24
CA GLY B 41 -19.09 -6.66 -3.91
C GLY B 41 -20.55 -6.28 -3.81
N ARG B 42 -21.17 -6.02 -4.96
CA ARG B 42 -22.59 -5.69 -5.02
C ARG B 42 -23.42 -6.82 -4.39
N PHE B 43 -23.48 -7.96 -5.07
CA PHE B 43 -24.17 -9.13 -4.54
C PHE B 43 -23.15 -10.20 -4.15
N GLU B 44 -23.60 -11.22 -3.41
CA GLU B 44 -22.71 -12.26 -2.90
C GLU B 44 -21.93 -12.97 -4.01
N ASP B 45 -22.64 -13.36 -5.07
CA ASP B 45 -21.99 -14.03 -6.20
C ASP B 45 -21.90 -13.14 -7.43
N SER B 46 -21.87 -11.84 -7.20
CA SER B 46 -21.78 -10.86 -8.29
C SER B 46 -20.32 -10.67 -8.73
N GLY B 47 -20.12 -10.47 -10.02
CA GLY B 47 -18.79 -10.31 -10.58
C GLY B 47 -18.55 -11.18 -11.80
N ALA B 48 -17.27 -11.32 -12.17
CA ALA B 48 -16.89 -12.06 -13.37
C ALA B 48 -15.66 -12.94 -13.16
N VAL B 49 -15.47 -13.89 -14.06
CA VAL B 49 -14.33 -14.78 -13.96
C VAL B 49 -13.11 -14.11 -14.57
N ALA B 50 -12.00 -14.14 -13.84
CA ALA B 50 -10.74 -13.63 -14.38
C ALA B 50 -9.92 -14.72 -15.06
N THR B 51 -9.85 -15.90 -14.45
CA THR B 51 -8.96 -16.97 -14.90
C THR B 51 -9.42 -18.33 -14.35
N ALA B 52 -9.58 -19.33 -15.23
CA ALA B 52 -9.85 -20.67 -14.76
C ALA B 52 -8.70 -21.59 -15.14
N ASN B 53 -8.37 -22.56 -14.30
CA ASN B 53 -7.34 -23.51 -14.67
C ASN B 53 -7.92 -24.46 -15.73
N TYR B 54 -7.14 -25.40 -16.25
CA TYR B 54 -7.61 -26.18 -17.37
C TYR B 54 -8.72 -27.14 -16.94
N GLU B 55 -8.66 -27.59 -15.70
CA GLU B 55 -9.66 -28.49 -15.18
C GLU B 55 -11.02 -27.82 -15.23
N ALA B 56 -11.09 -26.55 -14.83
CA ALA B 56 -12.33 -25.80 -14.94
C ALA B 56 -12.72 -25.50 -16.40
N ARG B 57 -11.73 -25.28 -17.27
CA ARG B 57 -12.00 -24.93 -18.67
C ARG B 57 -12.76 -26.03 -19.45
N LYS B 58 -12.49 -27.28 -19.08
CA LYS B 58 -13.21 -28.43 -19.61
C LYS B 58 -14.72 -28.27 -19.55
N PHE B 59 -15.22 -27.56 -18.53
CA PHE B 59 -16.66 -27.43 -18.32
C PHE B 59 -17.21 -26.04 -18.71
N GLY B 60 -16.45 -25.32 -19.51
CA GLY B 60 -16.94 -24.11 -20.16
C GLY B 60 -16.67 -22.83 -19.41
N VAL B 61 -15.89 -22.91 -18.33
CA VAL B 61 -15.62 -21.71 -17.57
C VAL B 61 -14.38 -21.06 -18.19
N LYS B 62 -14.49 -19.79 -18.52
CA LYS B 62 -13.38 -19.07 -19.14
C LYS B 62 -13.43 -17.62 -18.72
N ALA B 63 -12.32 -16.88 -18.89
CA ALA B 63 -12.25 -15.48 -18.49
C ALA B 63 -13.42 -14.66 -19.02
N GLY B 64 -13.97 -13.78 -18.18
CA GLY B 64 -15.02 -12.89 -18.64
C GLY B 64 -16.46 -13.26 -18.36
N ILE B 65 -16.75 -14.55 -18.18
CA ILE B 65 -18.13 -14.91 -17.95
C ILE B 65 -18.53 -14.54 -16.53
N PRO B 66 -19.82 -14.19 -16.33
CA PRO B 66 -20.35 -13.88 -14.99
C PRO B 66 -20.12 -15.06 -14.05
N ILE B 67 -19.95 -14.77 -12.76
CA ILE B 67 -19.64 -15.84 -11.82
C ILE B 67 -20.82 -16.78 -11.71
N VAL B 68 -22.03 -16.23 -11.86
CA VAL B 68 -23.24 -17.02 -11.74
C VAL B 68 -23.36 -17.98 -12.92
N GLU B 69 -22.93 -17.52 -14.10
CA GLU B 69 -22.97 -18.41 -15.25
C GLU B 69 -21.97 -19.57 -15.09
N ALA B 70 -20.81 -19.28 -14.49
CA ALA B 70 -19.80 -20.31 -14.24
C ALA B 70 -20.30 -21.32 -13.21
N LYS B 71 -20.97 -20.84 -12.17
CA LYS B 71 -21.50 -21.73 -11.13
C LYS B 71 -22.60 -22.64 -11.67
N LYS B 72 -23.33 -22.13 -12.66
CA LYS B 72 -24.36 -22.91 -13.36
C LYS B 72 -23.78 -24.13 -14.08
N ILE B 73 -22.63 -23.93 -14.71
CA ILE B 73 -22.04 -24.99 -15.52
C ILE B 73 -20.97 -25.75 -14.75
N LEU B 74 -20.47 -25.16 -13.67
CA LEU B 74 -19.46 -25.83 -12.86
C LEU B 74 -19.52 -25.41 -11.39
N PRO B 75 -20.61 -25.78 -10.69
CA PRO B 75 -20.80 -25.37 -9.29
C PRO B 75 -19.70 -25.96 -8.42
N ASN B 76 -19.28 -27.18 -8.74
CA ASN B 76 -18.25 -27.89 -7.99
C ASN B 76 -16.83 -27.51 -8.41
N ALA B 77 -16.33 -26.43 -7.85
CA ALA B 77 -15.00 -25.89 -8.16
C ALA B 77 -14.61 -24.90 -7.06
N VAL B 78 -13.32 -24.66 -6.88
CA VAL B 78 -12.89 -23.69 -5.89
C VAL B 78 -12.83 -22.30 -6.53
N TYR B 79 -13.74 -21.42 -6.09
CA TYR B 79 -13.80 -20.05 -6.57
C TYR B 79 -13.00 -19.18 -5.61
N LEU B 80 -11.96 -18.55 -6.14
CA LEU B 80 -11.04 -17.75 -5.32
C LEU B 80 -11.06 -16.30 -5.75
N PRO B 81 -10.88 -15.39 -4.78
CA PRO B 81 -10.78 -13.96 -5.08
C PRO B 81 -9.50 -13.60 -5.81
N MET B 82 -9.61 -12.65 -6.72
CA MET B 82 -8.49 -11.99 -7.39
C MET B 82 -7.45 -11.40 -6.40
N ARG B 83 -6.21 -11.88 -6.44
CA ARG B 83 -5.11 -11.32 -5.61
C ARG B 83 -4.02 -10.68 -6.45
N LYS B 84 -4.35 -9.62 -7.20
CA LYS B 84 -3.49 -9.19 -8.29
C LYS B 84 -2.11 -8.72 -7.84
N GLU B 85 -2.01 -8.20 -6.62
CA GLU B 85 -0.72 -7.74 -6.13
C GLU B 85 0.25 -8.92 -5.89
N VAL B 86 -0.28 -10.05 -5.43
CA VAL B 86 0.56 -11.26 -5.30
C VAL B 86 1.00 -11.76 -6.69
N TYR B 87 0.07 -11.72 -7.64
CA TYR B 87 0.36 -12.11 -9.02
C TYR B 87 1.45 -11.22 -9.64
N GLN B 88 1.38 -9.91 -9.40
CA GLN B 88 2.39 -8.97 -9.90
C GLN B 88 3.78 -9.26 -9.33
N GLN B 89 3.83 -9.73 -8.10
CA GLN B 89 5.10 -10.01 -7.43
C GLN B 89 5.82 -11.20 -8.07
N VAL B 90 5.05 -12.21 -8.44
CA VAL B 90 5.57 -13.39 -9.08
C VAL B 90 6.06 -13.03 -10.49
N SER B 91 5.23 -12.31 -11.21
CA SER B 91 5.55 -11.89 -12.58
C SER B 91 6.85 -11.05 -12.65
N SER B 92 6.97 -10.06 -11.78
CA SER B 92 8.17 -9.24 -11.73
C SER B 92 9.41 -10.12 -11.49
N ARG B 93 9.30 -11.10 -10.59
CA ARG B 93 10.41 -12.03 -10.37
C ARG B 93 10.76 -12.78 -11.66
N ILE B 94 9.75 -13.33 -12.33
CA ILE B 94 10.01 -14.10 -13.55
C ILE B 94 10.52 -13.21 -14.71
N MET B 95 9.94 -12.02 -14.88
CA MET B 95 10.42 -11.08 -15.88
C MET B 95 11.88 -10.70 -15.63
N ASN B 96 12.24 -10.56 -14.35
CA ASN B 96 13.66 -10.38 -14.02
C ASN B 96 14.50 -11.57 -14.44
N LEU B 97 13.96 -12.77 -14.31
CA LEU B 97 14.71 -13.95 -14.74
C LEU B 97 14.87 -13.91 -16.26
N LEU B 98 13.82 -13.47 -16.95
CA LEU B 98 13.86 -13.36 -18.41
C LEU B 98 14.95 -12.38 -18.88
N ARG B 99 15.11 -11.28 -18.15
CA ARG B 99 16.15 -10.29 -18.42
C ARG B 99 17.53 -10.91 -18.63
N GLU B 100 17.82 -11.96 -17.89
CA GLU B 100 19.12 -12.58 -17.91
C GLU B 100 19.44 -13.26 -19.25
N TYR B 101 18.41 -13.59 -20.03
CA TYR B 101 18.59 -14.35 -21.28
C TYR B 101 18.72 -13.50 -22.56
N SER B 102 18.26 -12.25 -22.51
CA SER B 102 18.44 -11.36 -23.64
C SER B 102 18.21 -9.91 -23.23
N GLU B 103 19.15 -9.04 -23.60
CA GLU B 103 19.02 -7.61 -23.38
C GLU B 103 17.75 -7.10 -24.05
N LYS B 104 17.44 -7.64 -25.21
CA LYS B 104 16.31 -7.16 -25.96
C LYS B 104 15.03 -7.85 -25.50
N ILE B 105 14.30 -7.22 -24.59
CA ILE B 105 13.08 -7.82 -24.05
C ILE B 105 11.90 -6.82 -24.06
N GLU B 106 10.73 -7.32 -24.40
CA GLU B 106 9.52 -6.51 -24.43
C GLU B 106 8.46 -7.16 -23.54
N ILE B 107 8.27 -6.61 -22.34
CA ILE B 107 7.28 -7.15 -21.44
C ILE B 107 5.93 -6.56 -21.85
N ALA B 108 5.09 -7.45 -22.38
CA ALA B 108 3.85 -7.07 -23.03
C ALA B 108 2.71 -6.95 -22.04
N SER B 109 2.78 -7.74 -20.98
CA SER B 109 1.75 -7.75 -19.97
C SER B 109 2.30 -8.45 -18.74
N ILE B 110 1.43 -8.62 -17.77
CA ILE B 110 1.81 -9.27 -16.54
C ILE B 110 2.16 -10.74 -16.78
N ASP B 111 1.71 -11.34 -17.88
CA ASP B 111 1.95 -12.75 -18.02
C ASP B 111 2.72 -13.14 -19.28
N GLU B 112 3.29 -12.18 -19.99
CA GLU B 112 4.06 -12.53 -21.18
C GLU B 112 5.13 -11.50 -21.57
N ALA B 113 6.19 -11.99 -22.20
CA ALA B 113 7.21 -11.10 -22.73
C ALA B 113 7.79 -11.64 -24.01
N TYR B 114 8.35 -10.74 -24.81
CA TYR B 114 9.02 -11.13 -26.04
C TYR B 114 10.53 -10.92 -25.90
N LEU B 115 11.30 -11.91 -26.30
CA LEU B 115 12.75 -11.79 -26.30
C LEU B 115 13.32 -11.91 -27.71
N ASP B 116 14.17 -10.96 -28.06
CA ASP B 116 14.95 -11.01 -29.29
C ASP B 116 16.24 -11.79 -28.98
N ILE B 117 16.33 -13.02 -29.49
CA ILE B 117 17.49 -13.84 -29.20
C ILE B 117 18.33 -14.05 -30.44
N SER B 118 18.23 -13.10 -31.37
CA SER B 118 18.94 -13.17 -32.65
C SER B 118 20.46 -13.23 -32.48
N ASP B 119 20.99 -12.38 -31.63
CA ASP B 119 22.43 -12.37 -31.39
C ASP B 119 22.83 -13.55 -30.54
N LYS B 120 21.84 -14.22 -29.95
CA LYS B 120 22.09 -15.19 -28.88
C LYS B 120 22.13 -16.64 -29.35
N VAL B 121 21.46 -16.94 -30.45
CA VAL B 121 21.44 -18.29 -31.00
C VAL B 121 21.63 -18.18 -32.51
N ARG B 122 22.13 -19.24 -33.15
CA ARG B 122 22.36 -19.21 -34.59
C ARG B 122 21.22 -19.81 -35.41
N ASP B 123 20.29 -20.50 -34.73
CA ASP B 123 19.21 -21.19 -35.42
C ASP B 123 18.09 -21.65 -34.47
N TYR B 124 17.06 -22.28 -35.03
CA TYR B 124 15.89 -22.61 -34.23
C TYR B 124 16.16 -23.75 -33.26
N ARG B 125 17.01 -24.69 -33.67
CA ARG B 125 17.30 -25.82 -32.81
C ARG B 125 18.04 -25.32 -31.58
N GLU B 126 18.93 -24.35 -31.76
CA GLU B 126 19.58 -23.69 -30.64
C GLU B 126 18.55 -22.91 -29.82
N ALA B 127 17.62 -22.24 -30.49
CA ALA B 127 16.59 -21.49 -29.78
C ALA B 127 15.68 -22.40 -28.95
N TYR B 128 15.37 -23.58 -29.49
CA TYR B 128 14.57 -24.57 -28.79
C TYR B 128 15.27 -24.93 -27.46
N ASN B 129 16.58 -25.15 -27.53
CA ASN B 129 17.36 -25.49 -26.34
C ASN B 129 17.32 -24.37 -25.30
N LEU B 130 17.43 -23.13 -25.76
CA LEU B 130 17.37 -21.96 -24.87
C LEU B 130 16.01 -21.87 -24.23
N GLY B 131 14.96 -22.10 -25.02
CA GLY B 131 13.60 -22.11 -24.50
C GLY B 131 13.41 -23.08 -23.34
N LEU B 132 13.86 -24.33 -23.52
CA LEU B 132 13.82 -25.35 -22.48
C LEU B 132 14.60 -24.93 -21.22
N GLU B 133 15.77 -24.34 -21.42
CA GLU B 133 16.56 -23.83 -20.32
C GLU B 133 15.77 -22.79 -19.54
N ILE B 134 15.00 -21.99 -20.26
CA ILE B 134 14.23 -20.91 -19.68
C ILE B 134 13.08 -21.48 -18.85
N LYS B 135 12.35 -22.41 -19.45
CA LYS B 135 11.24 -23.08 -18.78
C LYS B 135 11.70 -23.76 -17.49
N ASN B 136 12.77 -24.53 -17.57
CA ASN B 136 13.27 -25.25 -16.43
C ASN B 136 13.66 -24.28 -15.32
N LYS B 137 14.31 -23.17 -15.67
CA LYS B 137 14.78 -22.29 -14.61
C LYS B 137 13.59 -21.55 -13.98
N ILE B 138 12.59 -21.21 -14.79
CA ILE B 138 11.41 -20.54 -14.22
C ILE B 138 10.63 -21.55 -13.34
N LEU B 139 10.57 -22.80 -13.78
CA LEU B 139 10.02 -23.85 -12.92
C LEU B 139 10.83 -23.98 -11.62
N GLU B 140 12.16 -24.03 -11.71
CA GLU B 140 12.97 -24.32 -10.51
C GLU B 140 12.87 -23.17 -9.49
N LYS B 141 12.83 -21.94 -9.99
CA LYS B 141 12.91 -20.74 -9.16
C LYS B 141 11.55 -20.23 -8.64
N GLU B 142 10.49 -20.45 -9.40
CA GLU B 142 9.18 -19.91 -9.01
C GLU B 142 8.07 -20.97 -9.02
N LYS B 143 8.42 -22.17 -9.48
CA LYS B 143 7.52 -23.31 -9.49
C LYS B 143 6.34 -23.15 -10.44
N ILE B 144 6.51 -22.32 -11.48
CA ILE B 144 5.43 -22.09 -12.42
C ILE B 144 5.84 -22.49 -13.83
N THR B 145 4.93 -23.18 -14.51
CA THR B 145 5.10 -23.56 -15.90
C THR B 145 4.68 -22.44 -16.84
N VAL B 146 5.43 -22.31 -17.92
CA VAL B 146 5.18 -21.32 -18.96
C VAL B 146 5.20 -22.03 -20.29
N THR B 147 4.61 -21.40 -21.29
CA THR B 147 4.69 -21.94 -22.64
C THR B 147 5.54 -21.01 -23.50
N VAL B 148 6.46 -21.59 -24.27
CA VAL B 148 7.35 -20.82 -25.12
C VAL B 148 7.05 -21.02 -26.60
N GLY B 149 6.83 -19.91 -27.31
CA GLY B 149 6.68 -19.90 -28.75
C GLY B 149 7.87 -19.21 -29.39
N ILE B 150 8.39 -19.84 -30.44
CA ILE B 150 9.59 -19.34 -31.11
C ILE B 150 9.34 -19.21 -32.60
N SER B 151 9.64 -18.04 -33.16
CA SER B 151 9.53 -17.88 -34.60
C SER B 151 10.37 -16.69 -35.10
N LYS B 152 10.10 -16.26 -36.33
CA LYS B 152 10.88 -15.19 -36.95
C LYS B 152 10.41 -13.79 -36.57
N ASN B 153 9.26 -13.67 -35.93
CA ASN B 153 8.75 -12.38 -35.46
C ASN B 153 7.82 -12.54 -34.25
N LYS B 154 7.39 -11.42 -33.67
CA LYS B 154 6.58 -11.40 -32.45
C LYS B 154 5.24 -12.14 -32.58
N VAL B 155 4.53 -11.86 -33.66
CA VAL B 155 3.19 -12.39 -33.81
C VAL B 155 3.17 -13.91 -33.93
N PHE B 156 4.01 -14.46 -34.80
CA PHE B 156 4.00 -15.90 -34.95
C PHE B 156 4.69 -16.59 -33.77
N ALA B 157 5.56 -15.89 -33.06
CA ALA B 157 6.11 -16.46 -31.83
C ALA B 157 4.98 -16.60 -30.82
N LYS B 158 4.12 -15.59 -30.72
CA LYS B 158 3.01 -15.69 -29.80
C LYS B 158 2.07 -16.80 -30.26
N ILE B 159 1.77 -16.85 -31.56
CA ILE B 159 0.89 -17.88 -32.11
C ILE B 159 1.43 -19.29 -31.84
N ALA B 160 2.75 -19.42 -31.81
CA ALA B 160 3.35 -20.72 -31.53
C ALA B 160 3.03 -21.17 -30.11
N ALA B 161 3.02 -20.23 -29.18
CA ALA B 161 2.72 -20.55 -27.79
C ALA B 161 1.23 -20.78 -27.57
N ASP B 162 0.40 -20.05 -28.33
CA ASP B 162 -1.04 -20.28 -28.22
C ASP B 162 -1.30 -21.74 -28.58
N MET B 163 -0.51 -22.26 -29.53
CA MET B 163 -0.66 -23.61 -30.05
C MET B 163 -0.11 -24.72 -29.13
N ALA B 164 1.01 -24.44 -28.50
CA ALA B 164 1.64 -25.39 -27.63
C ALA B 164 1.19 -25.42 -26.15
N LYS B 165 0.34 -24.51 -25.72
CA LYS B 165 -0.03 -24.44 -24.30
C LYS B 165 -0.88 -25.62 -23.81
N PRO B 166 -0.82 -26.05 -22.50
CA PRO B 166 0.10 -25.38 -21.60
C PRO B 166 1.43 -26.11 -21.37
N ASN B 167 2.35 -25.52 -20.64
CA ASN B 167 3.65 -26.13 -20.34
C ASN B 167 4.35 -26.65 -21.57
N GLY B 168 4.19 -25.95 -22.68
CA GLY B 168 4.73 -26.43 -23.93
C GLY B 168 5.85 -25.59 -24.51
N ILE B 169 6.35 -26.03 -25.66
CA ILE B 169 7.31 -25.25 -26.40
C ILE B 169 7.19 -25.62 -27.86
N LYS B 170 7.19 -24.61 -28.72
CA LYS B 170 7.03 -24.84 -30.15
C LYS B 170 7.79 -23.82 -31.00
N VAL B 171 8.36 -24.31 -32.07
CA VAL B 171 8.93 -23.49 -33.12
C VAL B 171 8.02 -23.50 -34.33
N ILE B 172 7.84 -22.31 -34.92
CA ILE B 172 7.19 -22.18 -36.22
C ILE B 172 8.21 -21.68 -37.24
N ASP B 173 8.71 -22.58 -38.10
CA ASP B 173 9.73 -22.16 -39.06
C ASP B 173 9.07 -21.49 -40.28
N ASP B 174 9.91 -21.01 -41.18
CA ASP B 174 9.47 -20.19 -42.31
C ASP B 174 8.44 -20.87 -43.22
N GLU B 175 8.52 -22.19 -43.32
CA GLU B 175 7.56 -22.95 -44.12
C GLU B 175 6.24 -23.06 -43.36
N GLU B 176 6.32 -23.29 -42.05
CA GLU B 176 5.12 -23.36 -41.27
C GLU B 176 4.40 -22.00 -41.25
N VAL B 177 5.15 -20.90 -41.27
CA VAL B 177 4.55 -19.57 -41.35
C VAL B 177 3.71 -19.44 -42.63
N LYS B 178 4.29 -19.89 -43.74
CA LYS B 178 3.58 -19.85 -45.03
C LYS B 178 2.31 -20.70 -44.98
N ARG B 179 2.39 -21.87 -44.36
CA ARG B 179 1.22 -22.69 -44.13
C ARG B 179 0.17 -21.96 -43.28
N LEU B 180 0.61 -21.38 -42.18
CA LEU B 180 -0.29 -20.76 -41.21
C LEU B 180 -1.13 -19.61 -41.75
N ILE B 181 -0.51 -18.76 -42.56
CA ILE B 181 -1.21 -17.67 -43.21
C ILE B 181 -2.43 -18.19 -43.97
N ARG B 182 -2.29 -19.36 -44.58
CA ARG B 182 -3.39 -19.93 -45.34
C ARG B 182 -4.46 -20.54 -44.42
N GLU B 183 -4.03 -21.13 -43.31
CA GLU B 183 -4.95 -21.95 -42.53
C GLU B 183 -5.35 -21.36 -41.19
N LEU B 184 -4.61 -20.38 -40.69
CA LEU B 184 -4.95 -19.78 -39.40
C LEU B 184 -6.18 -18.88 -39.44
N ASP B 185 -7.10 -19.12 -38.52
CA ASP B 185 -8.26 -18.25 -38.28
C ASP B 185 -7.82 -16.88 -37.84
N ILE B 186 -8.38 -15.87 -38.51
CA ILE B 186 -8.25 -14.48 -38.10
C ILE B 186 -8.42 -14.32 -36.61
N ALA B 187 -9.37 -15.06 -36.07
CA ALA B 187 -9.71 -15.01 -34.66
C ALA B 187 -8.57 -15.48 -33.75
N ASP B 188 -7.63 -16.22 -34.32
CA ASP B 188 -6.49 -16.69 -33.54
C ASP B 188 -5.27 -15.80 -33.77
N VAL B 189 -5.45 -14.68 -34.45
CA VAL B 189 -4.36 -13.73 -34.62
C VAL B 189 -4.31 -12.78 -33.42
N PRO B 190 -3.14 -12.69 -32.77
CA PRO B 190 -2.97 -11.78 -31.64
C PRO B 190 -3.44 -10.37 -31.98
N GLY B 191 -4.06 -9.70 -31.01
CA GLY B 191 -4.51 -8.33 -31.19
C GLY B 191 -5.87 -8.23 -31.83
N ILE B 192 -6.38 -9.36 -32.31
CA ILE B 192 -7.68 -9.40 -32.94
C ILE B 192 -8.71 -10.03 -31.99
N GLY B 193 -9.75 -9.28 -31.67
CA GLY B 193 -10.76 -9.78 -30.73
C GLY B 193 -12.02 -10.30 -31.40
N ASN B 194 -13.02 -10.62 -30.60
CA ASN B 194 -14.28 -11.15 -31.13
C ASN B 194 -15.00 -10.14 -32.01
N ILE B 195 -14.98 -8.86 -31.64
CA ILE B 195 -15.67 -7.86 -32.43
C ILE B 195 -15.08 -7.80 -33.85
N THR B 196 -13.77 -7.70 -33.96
CA THR B 196 -13.13 -7.66 -35.28
C THR B 196 -13.36 -8.96 -36.04
N ALA B 197 -13.20 -10.08 -35.35
CA ALA B 197 -13.29 -11.39 -35.99
C ALA B 197 -14.71 -11.66 -36.53
N GLU B 198 -15.74 -11.25 -35.79
CA GLU B 198 -17.11 -11.54 -36.23
C GLU B 198 -17.53 -10.64 -37.40
N LYS B 199 -16.92 -9.46 -37.48
CA LYS B 199 -17.21 -8.57 -38.60
C LYS B 199 -16.68 -9.22 -39.86
N LEU B 200 -15.46 -9.71 -39.79
CA LEU B 200 -14.79 -10.31 -40.93
C LEU B 200 -15.43 -11.64 -41.34
N LYS B 201 -15.90 -12.40 -40.35
CA LYS B 201 -16.47 -13.73 -40.61
C LYS B 201 -17.75 -13.71 -41.44
N LYS B 202 -18.67 -12.81 -41.12
CA LYS B 202 -19.93 -12.69 -41.85
C LYS B 202 -19.76 -12.36 -43.34
N LEU B 203 -18.56 -11.91 -43.71
CA LEU B 203 -18.24 -11.63 -45.11
C LEU B 203 -17.35 -12.74 -45.67
N GLY B 204 -17.11 -13.76 -44.85
CA GLY B 204 -16.32 -14.91 -45.26
C GLY B 204 -14.85 -14.65 -45.21
N ILE B 205 -14.42 -13.68 -44.42
CA ILE B 205 -13.01 -13.40 -44.23
C ILE B 205 -12.54 -14.14 -42.95
N ASN B 206 -12.19 -15.40 -43.12
CA ASN B 206 -11.93 -16.30 -42.00
C ASN B 206 -10.45 -16.54 -41.76
N LYS B 207 -9.68 -16.43 -42.82
CA LYS B 207 -8.28 -16.79 -42.74
C LYS B 207 -7.43 -15.58 -42.99
N LEU B 208 -6.20 -15.61 -42.52
CA LEU B 208 -5.28 -14.51 -42.69
C LEU B 208 -5.11 -14.19 -44.17
N VAL B 209 -5.10 -15.20 -45.03
CA VAL B 209 -4.87 -14.96 -46.44
C VAL B 209 -6.04 -14.19 -47.10
N ASP B 210 -7.26 -14.37 -46.59
CA ASP B 210 -8.46 -13.71 -47.14
C ASP B 210 -8.37 -12.19 -47.13
N THR B 211 -7.61 -11.71 -46.17
CA THR B 211 -7.21 -10.33 -46.03
C THR B 211 -6.74 -9.72 -47.35
N LEU B 212 -6.09 -10.54 -48.16
CA LEU B 212 -5.54 -10.11 -49.43
C LEU B 212 -6.57 -10.14 -50.56
N SER B 213 -7.80 -10.55 -50.25
CA SER B 213 -8.84 -10.72 -51.27
C SER B 213 -9.81 -9.53 -51.35
N ILE B 214 -9.81 -8.72 -50.30
CA ILE B 214 -10.81 -7.67 -50.16
C ILE B 214 -10.12 -6.35 -50.46
N GLU B 215 -10.85 -5.39 -51.01
CA GLU B 215 -10.24 -4.11 -51.23
C GLU B 215 -9.91 -3.49 -49.89
N PHE B 216 -8.74 -2.86 -49.81
CA PHE B 216 -8.25 -2.24 -48.59
C PHE B 216 -9.26 -1.26 -47.99
N ASP B 217 -9.85 -0.40 -48.82
CA ASP B 217 -10.75 0.64 -48.34
C ASP B 217 -11.97 0.07 -47.64
N LYS B 218 -12.41 -1.09 -48.11
CA LYS B 218 -13.46 -1.81 -47.44
C LYS B 218 -12.94 -2.42 -46.12
N LEU B 219 -11.76 -3.03 -46.16
CA LEU B 219 -11.21 -3.64 -44.96
C LEU B 219 -10.93 -2.55 -43.94
N LYS B 220 -10.39 -1.43 -44.43
CA LYS B 220 -10.16 -0.26 -43.58
C LYS B 220 -11.48 0.28 -43.01
N GLY B 221 -12.51 0.28 -43.83
CA GLY B 221 -13.79 0.82 -43.42
C GLY B 221 -14.47 -0.01 -42.36
N MET B 222 -14.08 -1.27 -42.23
CA MET B 222 -14.74 -2.18 -41.31
C MET B 222 -14.07 -2.30 -39.94
N ILE B 223 -12.75 -2.32 -39.93
CA ILE B 223 -11.98 -2.61 -38.71
C ILE B 223 -10.94 -1.52 -38.42
N GLY B 224 -10.95 -0.45 -39.23
CA GLY B 224 -9.98 0.62 -39.06
C GLY B 224 -8.65 0.36 -39.75
N GLU B 225 -7.98 1.44 -40.14
CA GLU B 225 -6.77 1.35 -40.94
C GLU B 225 -5.69 0.52 -40.27
N ALA B 226 -5.53 0.72 -38.96
CA ALA B 226 -4.43 0.12 -38.22
C ALA B 226 -4.49 -1.41 -38.20
N LYS B 227 -5.65 -1.96 -37.89
CA LYS B 227 -5.79 -3.42 -37.88
C LYS B 227 -5.69 -3.93 -39.33
N ALA B 228 -6.27 -3.19 -40.27
CA ALA B 228 -6.22 -3.56 -41.69
C ALA B 228 -4.78 -3.72 -42.19
N LYS B 229 -3.96 -2.68 -42.01
CA LYS B 229 -2.55 -2.74 -42.36
C LYS B 229 -1.81 -3.86 -41.62
N TYR B 230 -2.08 -3.98 -40.32
CA TYR B 230 -1.53 -5.06 -39.50
C TYR B 230 -1.79 -6.44 -40.11
N LEU B 231 -3.06 -6.76 -40.36
CA LEU B 231 -3.41 -8.07 -40.90
C LEU B 231 -2.81 -8.28 -42.30
N ILE B 232 -2.81 -7.23 -43.12
CA ILE B 232 -2.23 -7.33 -44.46
C ILE B 232 -0.73 -7.60 -44.38
N SER B 233 -0.03 -6.95 -43.47
CA SER B 233 1.40 -7.19 -43.33
C SER B 233 1.68 -8.64 -42.90
N LEU B 234 0.83 -9.21 -42.04
CA LEU B 234 0.99 -10.62 -41.67
C LEU B 234 0.69 -11.55 -42.86
N ALA B 235 -0.42 -11.29 -43.53
CA ALA B 235 -0.85 -12.12 -44.67
C ALA B 235 0.22 -12.15 -45.79
N ARG B 236 0.95 -11.05 -45.91
CA ARG B 236 1.99 -10.91 -46.92
C ARG B 236 3.34 -11.40 -46.44
N ASP B 237 3.40 -11.91 -45.20
CA ASP B 237 4.65 -12.32 -44.56
C ASP B 237 5.65 -11.16 -44.52
N GLU B 238 5.13 -9.95 -44.27
CA GLU B 238 5.98 -8.78 -44.21
C GLU B 238 5.96 -8.10 -42.85
N TYR B 239 5.60 -8.84 -41.82
CA TYR B 239 5.59 -8.26 -40.50
C TYR B 239 7.02 -8.27 -39.97
N ASN B 240 7.52 -7.10 -39.57
CA ASN B 240 8.94 -6.99 -39.17
C ASN B 240 9.19 -6.14 -37.91
N GLU B 241 8.20 -6.03 -37.03
CA GLU B 241 8.29 -5.07 -35.93
C GLU B 241 9.27 -5.48 -34.84
N PRO B 242 10.26 -4.61 -34.57
CA PRO B 242 11.30 -4.91 -33.58
C PRO B 242 10.72 -5.05 -32.18
N ILE B 243 11.37 -5.85 -31.34
CA ILE B 243 10.91 -5.90 -29.97
C ILE B 243 11.47 -4.65 -29.27
N ARG B 244 10.63 -3.96 -28.54
CA ARG B 244 11.00 -2.69 -27.91
C ARG B 244 10.60 -2.71 -26.44
N THR B 245 11.40 -2.08 -25.59
CA THR B 245 11.00 -1.95 -24.20
C THR B 245 9.64 -1.24 -24.13
N ARG B 246 8.72 -1.86 -23.42
CA ARG B 246 7.41 -1.27 -23.22
C ARG B 246 7.23 -1.11 -21.72
N VAL B 247 6.48 -0.10 -21.32
CA VAL B 247 6.11 0.04 -19.91
C VAL B 247 4.66 0.53 -19.84
N ARG B 248 3.96 0.23 -18.74
CA ARG B 248 2.53 0.58 -18.65
C ARG B 248 2.38 2.10 -18.78
N LYS B 249 1.32 2.50 -19.47
CA LYS B 249 1.16 3.90 -19.88
C LYS B 249 -0.04 4.53 -19.18
N SER B 250 -0.76 3.71 -18.43
CA SER B 250 -1.81 4.20 -17.55
C SER B 250 -2.00 3.24 -16.38
N ILE B 251 -2.47 3.81 -15.28
CA ILE B 251 -2.59 3.12 -14.02
C ILE B 251 -3.85 3.66 -13.41
N GLY B 252 -4.73 2.77 -12.98
CA GLY B 252 -6.03 3.19 -12.53
C GLY B 252 -6.70 2.18 -11.63
N ARG B 253 -7.83 2.60 -11.07
CA ARG B 253 -8.69 1.75 -10.28
C ARG B 253 -10.10 2.26 -10.45
N ILE B 254 -11.02 1.34 -10.72
CA ILE B 254 -12.44 1.64 -10.77
C ILE B 254 -13.09 0.60 -9.86
N VAL B 255 -13.97 1.03 -8.98
CA VAL B 255 -14.59 0.10 -8.05
C VAL B 255 -16.11 0.22 -8.16
N THR B 256 -16.80 -0.90 -7.93
CA THR B 256 -18.25 -0.89 -7.94
C THR B 256 -18.75 -0.39 -6.60
N MET B 257 -19.76 0.46 -6.62
CA MET B 257 -20.29 0.96 -5.38
C MET B 257 -21.47 0.11 -4.93
N LYS B 258 -21.67 0.06 -3.63
CA LYS B 258 -22.95 -0.41 -3.10
C LYS B 258 -23.96 0.68 -3.44
N ARG B 259 -25.00 0.31 -4.19
CA ARG B 259 -26.13 1.17 -4.56
C ARG B 259 -25.80 2.24 -5.61
N ASN B 260 -26.60 2.26 -6.68
CA ASN B 260 -26.58 3.37 -7.63
C ASN B 260 -26.82 4.71 -6.96
N SER B 261 -25.96 5.67 -7.26
CA SER B 261 -26.18 7.05 -6.83
C SER B 261 -25.86 8.00 -7.97
N ARG B 262 -26.53 9.14 -7.99
CA ARG B 262 -26.10 10.28 -8.79
C ARG B 262 -25.77 11.42 -7.84
N ASN B 263 -25.80 11.12 -6.54
CA ASN B 263 -25.44 12.09 -5.51
C ASN B 263 -23.93 12.16 -5.29
N LEU B 264 -23.35 13.31 -5.58
CA LEU B 264 -21.90 13.50 -5.49
C LEU B 264 -21.32 13.07 -4.16
N GLU B 265 -21.96 13.52 -3.08
CA GLU B 265 -21.49 13.30 -1.73
C GLU B 265 -21.41 11.83 -1.34
N GLU B 266 -22.22 11.02 -2.00
CA GLU B 266 -22.18 9.59 -1.76
C GLU B 266 -21.09 8.93 -2.61
N ILE B 267 -20.90 9.42 -3.83
CA ILE B 267 -19.96 8.77 -4.74
C ILE B 267 -18.51 9.10 -4.37
N LYS B 268 -18.30 10.26 -3.75
CA LYS B 268 -16.94 10.73 -3.47
C LYS B 268 -15.99 9.79 -2.68
N PRO B 269 -16.48 9.13 -1.61
CA PRO B 269 -15.57 8.20 -0.91
C PRO B 269 -15.09 7.02 -1.78
N TYR B 270 -15.92 6.53 -2.70
CA TYR B 270 -15.46 5.54 -3.67
C TYR B 270 -14.43 6.17 -4.59
N LEU B 271 -14.74 7.37 -5.08
CA LEU B 271 -13.83 8.09 -5.94
C LEU B 271 -12.46 8.29 -5.28
N PHE B 272 -12.46 8.71 -4.03
CA PHE B 272 -11.24 9.00 -3.30
C PHE B 272 -10.42 7.76 -3.00
N ARG B 273 -11.11 6.66 -2.71
CA ARG B 273 -10.47 5.36 -2.50
C ARG B 273 -9.71 4.94 -3.75
N ALA B 274 -10.40 5.01 -4.88
CA ALA B 274 -9.81 4.70 -6.17
C ALA B 274 -8.52 5.48 -6.40
N ILE B 275 -8.46 6.72 -5.91
CA ILE B 275 -7.26 7.55 -6.07
C ILE B 275 -6.12 7.07 -5.18
N GLU B 276 -6.43 6.75 -3.92
CA GLU B 276 -5.40 6.27 -3.00
C GLU B 276 -4.78 4.97 -3.51
N GLU B 277 -5.61 4.06 -4.02
CA GLU B 277 -5.12 2.81 -4.61
C GLU B 277 -4.22 3.07 -5.82
N SER B 278 -4.72 3.91 -6.73
CA SER B 278 -3.97 4.34 -7.90
C SER B 278 -2.60 4.92 -7.56
N TYR B 279 -2.58 5.86 -6.63
CA TYR B 279 -1.33 6.51 -6.27
C TYR B 279 -0.38 5.56 -5.57
N TYR B 280 -0.92 4.55 -4.89
CA TYR B 280 -0.08 3.51 -4.34
C TYR B 280 0.63 2.74 -5.47
N LYS B 281 -0.09 2.34 -6.50
CA LYS B 281 0.56 1.59 -7.56
C LYS B 281 1.41 2.46 -8.48
N LEU B 282 1.11 3.75 -8.57
CA LEU B 282 1.96 4.66 -9.33
C LEU B 282 3.38 4.67 -8.77
N ASP B 283 3.47 4.55 -7.44
CA ASP B 283 4.72 4.72 -6.71
C ASP B 283 5.26 6.12 -6.95
N LYS B 284 6.39 6.23 -7.64
CA LYS B 284 6.94 7.54 -7.94
C LYS B 284 6.83 7.87 -9.42
N ARG B 285 5.90 7.22 -10.10
CA ARG B 285 5.49 7.69 -11.42
C ARG B 285 4.58 8.90 -11.21
N ILE B 286 4.86 9.99 -11.91
CA ILE B 286 4.07 11.22 -11.78
C ILE B 286 3.23 11.42 -13.04
N PRO B 287 1.90 11.33 -12.90
CA PRO B 287 1.05 11.46 -14.10
C PRO B 287 0.76 12.91 -14.43
N LYS B 288 0.51 13.21 -15.71
CA LYS B 288 0.09 14.54 -16.09
C LYS B 288 -1.37 14.61 -16.53
N ALA B 289 -2.01 13.44 -16.59
CA ALA B 289 -3.35 13.34 -17.08
C ALA B 289 -4.16 12.47 -16.16
N ILE B 290 -5.40 12.87 -15.92
CA ILE B 290 -6.32 12.12 -15.10
C ILE B 290 -7.61 11.89 -15.91
N HIS B 291 -8.22 10.72 -15.76
CA HIS B 291 -9.58 10.52 -16.24
C HIS B 291 -10.41 9.94 -15.10
N VAL B 292 -11.63 10.43 -14.96
CA VAL B 292 -12.60 9.80 -14.07
C VAL B 292 -13.51 8.96 -14.94
N VAL B 293 -13.66 7.69 -14.58
CA VAL B 293 -14.43 6.72 -15.38
C VAL B 293 -15.64 6.25 -14.58
N ALA B 294 -16.84 6.59 -15.07
CA ALA B 294 -18.09 6.13 -14.47
C ALA B 294 -18.82 5.09 -15.32
N VAL B 295 -19.21 3.99 -14.71
CA VAL B 295 -20.14 3.05 -15.34
C VAL B 295 -21.56 3.31 -14.88
N THR B 296 -22.44 3.56 -15.82
CA THR B 296 -23.84 3.87 -15.52
C THR B 296 -24.64 2.61 -15.21
N GLU B 297 -25.85 2.78 -14.69
CA GLU B 297 -26.70 1.64 -14.35
C GLU B 297 -27.03 0.78 -15.58
N ASP B 298 -26.82 1.35 -16.77
CA ASP B 298 -26.99 0.62 -18.03
C ASP B 298 -25.77 -0.25 -18.34
N LEU B 299 -24.78 -0.20 -17.44
CA LEU B 299 -23.47 -0.81 -17.62
C LEU B 299 -22.73 -0.17 -18.80
N ASP B 300 -23.12 1.06 -19.13
CA ASP B 300 -22.42 1.85 -20.14
C ASP B 300 -21.37 2.73 -19.45
N ILE B 301 -20.20 2.87 -20.07
CA ILE B 301 -19.13 3.68 -19.51
C ILE B 301 -19.13 5.10 -20.07
N VAL B 302 -18.95 6.06 -19.17
CA VAL B 302 -18.77 7.45 -19.55
C VAL B 302 -17.58 8.00 -18.78
N SER B 303 -16.65 8.59 -19.53
CA SER B 303 -15.41 9.12 -19.01
C SER B 303 -15.22 10.63 -19.29
N ARG B 304 -14.61 11.33 -18.33
CA ARG B 304 -14.20 12.73 -18.47
C ARG B 304 -12.74 12.86 -18.01
N GLY B 305 -11.95 13.64 -18.75
CA GLY B 305 -10.53 13.73 -18.47
C GLY B 305 -10.00 15.14 -18.56
N ARG B 306 -8.79 15.34 -18.04
CA ARG B 306 -8.09 16.60 -18.15
C ARG B 306 -6.60 16.29 -18.18
N THR B 307 -5.87 17.05 -18.99
CA THR B 307 -4.42 16.90 -19.07
C THR B 307 -3.78 18.22 -18.65
N PHE B 308 -2.74 18.12 -17.84
CA PHE B 308 -2.01 19.30 -17.36
C PHE B 308 -0.62 19.35 -18.00
N PRO B 309 -0.03 20.55 -18.13
CA PRO B 309 1.36 20.62 -18.60
C PRO B 309 2.38 20.21 -17.55
N HIS B 310 1.94 19.53 -16.49
CA HIS B 310 2.80 19.20 -15.38
C HIS B 310 2.23 18.04 -14.57
N GLY B 311 2.95 17.64 -13.53
CA GLY B 311 2.49 16.58 -12.66
C GLY B 311 1.27 16.89 -11.83
N ILE B 312 0.49 15.83 -11.55
CA ILE B 312 -0.66 15.92 -10.69
C ILE B 312 -0.29 15.37 -9.31
N SER B 313 -0.27 16.23 -8.30
CA SER B 313 -0.05 15.75 -6.94
C SER B 313 -1.29 14.96 -6.50
N LYS B 314 -1.16 14.19 -5.42
CA LYS B 314 -2.28 13.38 -4.98
C LYS B 314 -3.45 14.27 -4.53
N GLU B 315 -3.13 15.30 -3.74
CA GLU B 315 -4.14 16.24 -3.28
C GLU B 315 -4.88 16.90 -4.44
N THR B 316 -4.11 17.32 -5.44
CA THR B 316 -4.65 17.90 -6.66
C THR B 316 -5.59 16.94 -7.36
N ALA B 317 -5.20 15.67 -7.40
CA ALA B 317 -6.01 14.63 -8.03
C ALA B 317 -7.40 14.53 -7.38
N TYR B 318 -7.46 14.72 -6.06
CA TYR B 318 -8.75 14.75 -5.37
C TYR B 318 -9.65 15.86 -5.91
N SER B 319 -9.16 17.09 -5.89
CA SER B 319 -10.01 18.22 -6.26
C SER B 319 -10.48 18.12 -7.73
N GLU B 320 -9.55 17.74 -8.60
CA GLU B 320 -9.80 17.60 -10.03
C GLU B 320 -10.83 16.49 -10.32
N SER B 321 -10.65 15.35 -9.66
CA SER B 321 -11.54 14.22 -9.90
C SER B 321 -12.98 14.57 -9.54
N VAL B 322 -13.19 15.45 -8.57
CA VAL B 322 -14.55 15.81 -8.14
C VAL B 322 -15.23 16.56 -9.28
N LYS B 323 -14.49 17.50 -9.87
CA LYS B 323 -15.01 18.32 -10.96
C LYS B 323 -15.34 17.46 -12.18
N LEU B 324 -14.53 16.44 -12.46
CA LEU B 324 -14.77 15.57 -13.61
C LEU B 324 -16.00 14.69 -13.36
N LEU B 325 -16.23 14.37 -12.10
CA LEU B 325 -17.42 13.63 -11.74
C LEU B 325 -18.61 14.55 -11.92
N GLN B 326 -18.42 15.81 -11.49
CA GLN B 326 -19.45 16.83 -11.64
C GLN B 326 -19.79 17.02 -13.12
N LYS B 327 -18.79 16.92 -13.98
CA LYS B 327 -19.03 16.99 -15.42
C LYS B 327 -19.91 15.81 -15.84
N ILE B 328 -19.46 14.60 -15.50
CA ILE B 328 -20.20 13.38 -15.81
C ILE B 328 -21.64 13.47 -15.35
N LEU B 329 -21.82 13.89 -14.10
CA LEU B 329 -23.15 14.09 -13.52
C LEU B 329 -23.95 15.16 -14.24
N GLU B 330 -23.25 16.11 -14.87
CA GLU B 330 -23.96 17.23 -15.48
C GLU B 330 -24.47 16.85 -16.85
N GLU B 331 -23.70 16.03 -17.55
CA GLU B 331 -24.00 15.69 -18.94
C GLU B 331 -24.69 14.33 -19.09
N ASP B 332 -24.88 13.62 -17.98
CA ASP B 332 -25.52 12.30 -18.00
C ASP B 332 -26.53 12.15 -16.87
N GLU B 333 -27.73 11.69 -17.20
CA GLU B 333 -28.80 11.62 -16.20
C GLU B 333 -29.00 10.21 -15.60
N ARG B 334 -28.19 9.24 -16.04
CA ARG B 334 -28.24 7.91 -15.46
C ARG B 334 -27.62 7.91 -14.07
N LYS B 335 -27.89 6.84 -13.32
CA LYS B 335 -27.26 6.63 -12.02
C LYS B 335 -25.89 6.04 -12.23
N ILE B 336 -25.04 6.08 -11.21
CA ILE B 336 -23.70 5.52 -11.36
C ILE B 336 -23.53 4.23 -10.57
N ARG B 337 -23.03 3.19 -11.24
CA ARG B 337 -22.83 1.89 -10.63
C ARG B 337 -21.37 1.72 -10.23
N ARG B 338 -20.47 2.01 -11.15
CA ARG B 338 -19.05 1.98 -10.83
C ARG B 338 -18.44 3.35 -11.13
N ILE B 339 -17.45 3.72 -10.32
CA ILE B 339 -16.71 4.95 -10.50
C ILE B 339 -15.23 4.67 -10.27
N GLY B 340 -14.38 5.36 -10.99
CA GLY B 340 -12.98 5.25 -10.67
C GLY B 340 -12.19 6.24 -11.46
N VAL B 341 -10.89 6.02 -11.49
CA VAL B 341 -9.99 7.04 -11.99
C VAL B 341 -8.82 6.37 -12.72
N ARG B 342 -8.36 7.02 -13.77
CA ARG B 342 -7.21 6.51 -14.55
C ARG B 342 -6.16 7.60 -14.70
N PHE B 343 -4.90 7.21 -14.55
CA PHE B 343 -3.81 8.17 -14.62
C PHE B 343 -2.85 7.81 -15.72
N SER B 344 -2.38 8.81 -16.45
CA SER B 344 -1.54 8.55 -17.61
C SER B 344 -0.65 9.73 -17.94
N LYS B 345 0.02 9.59 -19.09
CA LYS B 345 1.00 10.56 -19.55
C LYS B 345 2.03 10.80 -18.43
N PHE B 346 2.73 9.74 -18.05
CA PHE B 346 3.62 9.82 -16.90
C PHE B 346 4.87 10.61 -17.24
N ILE B 347 5.30 11.41 -16.27
CA ILE B 347 6.50 12.22 -16.43
C ILE B 347 7.68 11.31 -16.77
N GLU B 348 8.50 11.77 -17.71
CA GLU B 348 9.76 11.10 -18.03
C GLU B 348 10.88 12.09 -17.77
P 2LF F 5 -4.16 -11.85 12.83
N1 2LF F 5 -6.45 -6.34 18.58
C2 2LF F 5 -5.90 -5.25 17.84
N2 2LF F 5 -5.87 -3.94 18.41
N3 2LF F 5 -5.39 -5.47 16.50
C4 2LF F 5 -5.42 -6.80 15.91
C5 2LF F 5 -5.95 -7.86 16.63
C6 2LF F 5 -6.48 -7.63 18.01
O6 2LF F 5 -6.95 -8.56 18.65
N7 2LF F 5 -5.86 -9.02 15.84
C8 2LF F 5 -5.29 -8.68 14.66
N9 2LF F 5 -5.02 -7.29 14.71
C1' 2LF F 5 -4.39 -6.73 13.47
C2' 2LF F 5 -2.93 -7.14 13.54
OP2 2LF F 5 -4.76 -12.88 13.79
C3' 2LF F 5 -2.88 -8.29 12.51
O3' 2LF F 5 -2.19 -8.10 11.36
C4' 2LF F 5 -4.38 -8.50 12.26
O4' 2LF F 5 -4.75 -7.31 12.35
C5' 2LF F 5 -4.90 -9.41 13.33
O5' 2LF F 5 -3.94 -10.47 13.58
OP1 2LF F 5 -2.86 -12.38 12.27
N1 DCP G . -0.75 5.88 18.44
C2 DCP G . -0.55 4.64 17.66
N3 DCP G . -1.11 3.38 18.15
C4 DCP G . -1.79 3.33 19.38
C5 DCP G . -1.98 4.54 20.16
C6 DCP G . -1.45 5.83 19.67
O2 DCP G . 0.01 4.66 16.62
N4 DCP G . -2.29 2.10 19.83
C1' DCP G . -0.23 7.16 17.98
C2' DCP G . -1.43 8.01 17.34
C3' DCP G . -1.31 9.22 17.77
C4' DCP G . 0.01 9.27 18.52
O4' DCP G . 0.19 7.83 18.98
O3' DCP G . -1.30 10.20 16.60
C5' DCP G . -0.07 10.17 19.61
O5' DCP G . -1.25 9.96 20.36
PA DCP G . -2.33 11.09 20.59
O1A DCP G . -3.16 10.61 21.75
O2A DCP G . -1.75 12.45 20.94
O3A DCP G . -3.28 11.13 19.31
PB DCP G . -3.67 12.36 18.33
O1B DCP G . -3.89 11.73 16.98
O2B DCP G . -2.59 13.46 18.18
O3B DCP G . -5.05 12.93 18.79
PG DCP G . -5.13 13.70 20.17
O1G DCP G . -6.58 13.96 20.52
O2G DCP G . -4.54 12.88 21.30
O3G DCP G . -4.30 14.97 20.05
MG MG H . -2.16 15.17 19.89
MG MG I . 0.34 13.81 22.10
N1 DCP J . -8.68 -11.36 -18.86
C2 DCP J . -9.77 -10.71 -18.13
N3 DCP J . -11.10 -10.67 -18.76
C4 DCP J . -11.33 -11.24 -20.03
C5 DCP J . -10.25 -11.87 -20.76
C6 DCP J . -8.93 -11.92 -20.14
O2 DCP J . -9.58 -10.25 -17.05
N4 DCP J . -12.59 -11.21 -20.61
C1' DCP J . -7.34 -11.41 -18.34
C2' DCP J . -7.06 -12.74 -17.45
C3' DCP J . -5.98 -13.28 -17.93
C4' DCP J . -5.34 -12.19 -18.76
O4' DCP J . -6.55 -11.45 -19.33
O3' DCP J . -5.02 -13.66 -16.82
C5' DCP J . -4.41 -12.71 -19.70
O5' DCP J . -4.97 -13.55 -20.70
PA DCP J . -4.54 -15.08 -20.86
O1A DCP J . -5.36 -15.62 -22.00
O2A DCP J . -3.06 -15.37 -21.11
O3A DCP J . -5.03 -15.84 -19.53
PB DCP J . -4.27 -17.04 -18.78
O1B DCP J . -4.89 -17.15 -17.41
O2B DCP J . -2.77 -16.76 -18.64
O3B DCP J . -4.51 -18.38 -19.57
PG DCP J . -3.57 -18.90 -20.78
O1G DCP J . -4.11 -20.23 -21.22
O2G DCP J . -3.67 -17.92 -21.95
O3G DCP J . -2.16 -18.96 -20.24
MG MG K . -0.87 -14.17 -22.04
MG MG L . -1.12 -16.90 -20.04
N1 DOC M . -3.33 -5.71 -26.29
C2 DOC M . -3.56 -5.62 -27.71
N3 DOC M . -4.66 -4.96 -28.38
C4 DOC M . -5.60 -4.30 -27.61
C5 DOC M . -5.40 -4.34 -26.13
C6 DOC M . -4.27 -5.03 -25.52
O2 DOC M . -2.83 -6.16 -28.43
N4 DOC M . -6.64 -3.66 -28.28
C1' DOC M . -2.19 -6.43 -25.82
C2' DOC M . -1.52 -5.93 -24.82
C3' DOC M . -0.99 -7.14 -24.03
C4' DOC M . -1.48 -8.42 -24.76
O4' DOC M . -2.46 -7.96 -25.39
C5' DOC M . -1.81 -9.58 -23.74
O5' DOC M . -2.33 -10.77 -24.23
P DOC M . -3.09 -11.93 -23.53
OP1 DOC M . -3.47 -12.91 -24.48
OP2 DOC M . -2.40 -12.47 -22.41
N1 DOC N . 6.30 7.90 25.64
C2 DOC N . 6.33 6.94 26.73
N3 DOC N . 6.55 5.56 26.46
C4 DOC N . 6.74 5.11 25.16
C5 DOC N . 6.70 6.05 24.04
C6 DOC N . 6.49 7.48 24.32
O2 DOC N . 6.17 7.25 27.85
N4 DOC N . 6.94 3.75 24.97
C1' DOC N . 6.08 9.19 25.97
C2' DOC N . 6.91 10.07 25.42
C3' DOC N . 6.03 10.97 24.55
C4' DOC N . 4.55 10.69 25.05
O4' DOC N . 4.54 9.60 25.63
C5' DOC N . 3.53 10.76 23.93
O5' DOC N . 2.24 10.86 24.36
P DOC N . 1.05 10.80 23.43
OP1 DOC N . -0.18 10.87 24.17
OP2 DOC N . 1.15 11.76 22.36
#